data_4UV6
#
_entry.id   4UV6
#
_cell.length_a   90.320
_cell.length_b   105.700
_cell.length_c   104.750
_cell.angle_alpha   90.00
_cell.angle_beta   98.04
_cell.angle_gamma   90.00
#
_symmetry.space_group_name_H-M   'C 1 2 1'
#
loop_
_entity.id
_entity.type
_entity.pdbx_description
1 polymer 'APICAL MEROZOITE ANTIGEN 1'
2 water water
#
_entity_poly.entity_id   1
_entity_poly.type   'polypeptide(L)'
_entity_poly.pdbx_seq_one_letter_code
;EFPIIERSIRMSNPWKAFMEKYDLERAHNSGIRIDLGEDAEVGNSKYRIPAGKCPVFGKGIVIENSKVSFLTPVATGAQR
LKEGGFAFPNADDHISPITIANLKERYKENADLMKLNDIALCKTHAASFVIAEDQNTNYRHPAVYDEKEKTCYMLYLSAQ
ENMGPRYCSPDSQNKDAMFCFKPDKNEKFDNLVYLSKNVRNDWENKCPRKNLGNAKFGLWVDGNCEEIPYVNEVEARSLR
ECNRIVFEASASDQPRQYEEELTDYEKIQEGFRQNNRDMIKSAFLPVGAFNSDNFKSKGRGYNWANFDSVNNKCYIFNTK
PTCLINDKNFFATTALSHPQEVDNEFPGLEQKLISEEDLNSAVDHHHHHH
;
_entity_poly.pdbx_strand_id   A,B
#
# COMPACT_ATOMS: atom_id res chain seq x y z
N SER A 12 -1.58 -15.95 13.90
CA SER A 12 -1.37 -14.59 13.38
C SER A 12 -2.25 -14.31 12.14
N ASN A 13 -3.20 -13.35 12.27
CA ASN A 13 -4.16 -12.98 11.24
C ASN A 13 -3.60 -12.10 10.14
N PRO A 14 -3.56 -12.60 8.89
CA PRO A 14 -3.09 -11.75 7.79
C PRO A 14 -4.05 -10.61 7.46
N TRP A 15 -5.34 -10.81 7.80
CA TRP A 15 -6.47 -9.89 7.56
C TRP A 15 -6.60 -8.70 8.50
N LYS A 16 -5.95 -8.75 9.70
CA LYS A 16 -6.10 -7.75 10.76
C LYS A 16 -6.20 -6.29 10.28
N ALA A 17 -5.21 -5.77 9.58
CA ALA A 17 -5.24 -4.38 9.10
C ALA A 17 -6.28 -4.12 8.03
N PHE A 18 -6.45 -5.07 7.10
CA PHE A 18 -7.41 -4.96 5.99
C PHE A 18 -8.86 -4.83 6.52
N MET A 19 -9.16 -5.60 7.56
CA MET A 19 -10.46 -5.71 8.21
C MET A 19 -10.78 -4.60 9.16
N GLU A 20 -9.80 -3.72 9.49
CA GLU A 20 -10.04 -2.60 10.41
C GLU A 20 -11.19 -1.73 9.94
N LYS A 21 -11.31 -1.53 8.63
CA LYS A 21 -12.41 -0.71 8.11
C LYS A 21 -13.78 -1.40 8.26
N TYR A 22 -13.82 -2.71 8.56
CA TYR A 22 -15.12 -3.33 8.76
C TYR A 22 -15.45 -3.37 10.25
N ASP A 23 -14.59 -2.76 11.12
CA ASP A 23 -14.85 -2.63 12.57
C ASP A 23 -15.65 -1.34 12.67
N LEU A 24 -16.95 -1.38 12.29
CA LEU A 24 -17.79 -0.17 12.23
C LEU A 24 -18.07 0.48 13.59
N GLU A 25 -17.94 -0.26 14.71
CA GLU A 25 -18.18 0.38 16.02
C GLU A 25 -17.09 1.37 16.21
N ARG A 26 -15.87 1.04 15.76
CA ARG A 26 -14.71 1.91 15.86
C ARG A 26 -14.65 2.88 14.63
N ALA A 27 -14.79 2.35 13.40
CA ALA A 27 -14.74 3.11 12.15
C ALA A 27 -15.82 4.21 12.09
N HIS A 28 -17.10 3.84 12.29
CA HIS A 28 -18.26 4.73 12.27
C HIS A 28 -18.57 5.36 13.62
N ASN A 29 -18.64 4.52 14.70
CA ASN A 29 -18.83 4.91 16.11
C ASN A 29 -20.13 5.65 16.43
N SER A 30 -21.17 5.41 15.63
CA SER A 30 -22.51 5.99 15.80
C SER A 30 -23.58 5.13 15.06
N GLY A 31 -24.84 5.55 15.12
CA GLY A 31 -25.94 4.87 14.45
C GLY A 31 -25.80 4.98 12.95
N ILE A 32 -26.37 4.03 12.23
CA ILE A 32 -26.27 4.03 10.79
C ILE A 32 -27.64 4.34 10.17
N ARG A 33 -28.65 3.52 10.49
CA ARG A 33 -30.04 3.70 10.03
C ARG A 33 -30.53 5.06 10.52
N ILE A 34 -30.28 5.35 11.83
CA ILE A 34 -30.56 6.64 12.49
C ILE A 34 -29.29 6.99 13.27
N ASP A 35 -28.63 8.07 12.84
CA ASP A 35 -27.40 8.61 13.43
C ASP A 35 -27.76 9.87 14.24
N LEU A 36 -27.79 9.74 15.58
CA LEU A 36 -28.08 10.80 16.54
C LEU A 36 -27.14 10.51 17.75
N GLY A 37 -25.87 10.44 17.47
CA GLY A 37 -24.93 10.03 18.50
C GLY A 37 -24.27 11.12 19.31
N GLU A 38 -24.58 12.39 19.01
CA GLU A 38 -23.92 13.48 19.72
C GLU A 38 -24.87 14.49 20.26
N ASP A 39 -24.69 14.83 21.55
CA ASP A 39 -25.51 15.82 22.24
C ASP A 39 -25.13 17.21 21.72
N ALA A 40 -26.10 18.00 21.30
CA ALA A 40 -25.91 19.37 20.80
C ALA A 40 -27.01 20.30 21.31
N GLU A 41 -26.60 21.47 21.82
CA GLU A 41 -27.55 22.49 22.28
C GLU A 41 -28.06 23.30 21.12
N VAL A 42 -29.38 23.44 21.01
CA VAL A 42 -30.07 24.25 20.00
C VAL A 42 -31.00 25.15 20.79
N GLY A 43 -30.68 26.45 20.80
CA GLY A 43 -31.39 27.45 21.59
C GLY A 43 -31.28 27.14 23.08
N ASN A 44 -32.43 26.91 23.70
CA ASN A 44 -32.55 26.57 25.11
C ASN A 44 -32.14 25.12 25.45
N SER A 45 -32.74 24.14 24.73
CA SER A 45 -32.63 22.69 24.95
C SER A 45 -31.43 21.98 24.29
N LYS A 46 -31.21 20.75 24.76
CA LYS A 46 -30.19 19.83 24.31
C LYS A 46 -30.90 18.78 23.44
N TYR A 47 -30.34 18.55 22.24
CA TYR A 47 -30.84 17.58 21.26
C TYR A 47 -29.69 16.67 20.81
N ARG A 48 -30.01 15.67 20.00
CA ARG A 48 -28.95 14.81 19.47
C ARG A 48 -28.91 14.99 18.03
N ILE A 49 -27.72 14.93 17.49
CA ILE A 49 -27.48 15.13 16.06
C ILE A 49 -26.53 14.02 15.54
N PRO A 50 -26.47 13.83 14.19
CA PRO A 50 -25.53 12.85 13.64
C PRO A 50 -24.07 13.04 14.06
N ALA A 51 -23.43 11.93 14.48
CA ALA A 51 -22.05 11.87 14.96
C ALA A 51 -21.15 10.85 14.24
N GLY A 52 -21.70 10.14 13.24
CA GLY A 52 -21.01 9.09 12.51
C GLY A 52 -19.76 9.53 11.80
N LYS A 53 -18.68 8.77 12.00
CA LYS A 53 -17.39 9.06 11.36
C LYS A 53 -17.28 8.48 9.91
N CYS A 54 -18.25 7.64 9.47
CA CYS A 54 -18.22 7.10 8.11
C CYS A 54 -19.35 7.64 7.26
N PRO A 55 -19.13 7.83 5.94
CA PRO A 55 -20.23 8.23 5.08
C PRO A 55 -21.19 7.03 4.91
N VAL A 56 -22.48 7.32 4.73
CA VAL A 56 -23.49 6.30 4.50
C VAL A 56 -23.88 6.37 3.01
N PHE A 57 -23.43 5.39 2.23
CA PHE A 57 -23.73 5.36 0.81
C PHE A 57 -25.11 4.80 0.49
N GLY A 58 -25.85 5.51 -0.33
CA GLY A 58 -27.18 5.12 -0.78
C GLY A 58 -28.33 5.49 0.13
N LYS A 59 -28.05 6.10 1.32
CA LYS A 59 -29.05 6.52 2.31
C LYS A 59 -29.66 7.88 1.95
N GLY A 60 -30.96 7.96 2.15
CA GLY A 60 -31.74 9.18 2.00
C GLY A 60 -32.90 9.18 2.99
N ILE A 61 -33.69 10.25 3.00
CA ILE A 61 -34.89 10.36 3.84
C ILE A 61 -36.10 10.35 2.89
N VAL A 62 -37.07 9.46 3.13
CA VAL A 62 -38.28 9.38 2.31
C VAL A 62 -39.39 10.08 3.10
N ILE A 63 -40.07 11.05 2.50
CA ILE A 63 -41.19 11.76 3.10
C ILE A 63 -42.52 11.07 2.68
N GLU A 64 -43.33 10.63 3.66
CA GLU A 64 -44.60 9.92 3.44
C GLU A 64 -45.63 10.77 2.70
N ASN A 65 -46.25 10.15 1.67
CA ASN A 65 -47.25 10.76 0.80
C ASN A 65 -46.75 12.11 0.27
N SER A 66 -45.55 12.09 -0.31
CA SER A 66 -44.95 13.26 -0.89
C SER A 66 -44.10 12.84 -2.05
N LYS A 67 -44.18 13.61 -3.14
CA LYS A 67 -43.37 13.34 -4.32
C LYS A 67 -42.15 14.26 -4.26
N VAL A 68 -42.12 15.13 -3.23
CA VAL A 68 -41.05 16.09 -2.99
C VAL A 68 -39.86 15.37 -2.37
N SER A 69 -38.68 15.49 -3.02
CA SER A 69 -37.40 14.94 -2.57
C SER A 69 -37.01 15.63 -1.26
N PHE A 70 -36.34 14.90 -0.36
CA PHE A 70 -35.87 15.46 0.91
C PHE A 70 -34.73 16.46 0.69
N LEU A 71 -34.09 16.43 -0.51
CA LEU A 71 -33.01 17.33 -0.92
C LEU A 71 -33.59 18.70 -1.37
N THR A 72 -34.93 18.78 -1.52
CA THR A 72 -35.61 20.04 -1.81
C THR A 72 -35.48 20.92 -0.51
N PRO A 73 -35.33 22.28 -0.61
CA PRO A 73 -35.19 23.06 0.64
C PRO A 73 -36.44 23.00 1.51
N VAL A 74 -36.28 23.20 2.84
CA VAL A 74 -37.40 23.21 3.82
C VAL A 74 -38.48 24.23 3.40
N ALA A 75 -39.74 23.95 3.73
CA ALA A 75 -40.87 24.82 3.45
C ALA A 75 -40.64 26.25 3.96
N THR A 76 -41.09 27.22 3.16
CA THR A 76 -41.05 28.66 3.44
C THR A 76 -42.37 29.34 3.02
N GLY A 77 -42.83 30.27 3.88
CA GLY A 77 -44.03 31.07 3.68
C GLY A 77 -45.33 30.30 3.65
N ALA A 78 -46.02 30.36 2.48
CA ALA A 78 -47.30 29.69 2.27
C ALA A 78 -47.21 28.19 2.40
N GLN A 79 -46.11 27.61 1.83
CA GLN A 79 -45.80 26.19 1.81
C GLN A 79 -46.03 25.49 3.13
N ARG A 80 -46.75 24.36 3.06
CA ARG A 80 -46.98 23.45 4.18
C ARG A 80 -45.66 22.63 4.29
N LEU A 81 -45.35 22.06 5.48
CA LEU A 81 -44.13 21.26 5.70
C LEU A 81 -43.90 20.25 4.57
N LYS A 82 -44.95 19.46 4.25
CA LYS A 82 -44.98 18.45 3.19
C LYS A 82 -44.69 19.00 1.77
N GLU A 83 -44.62 20.35 1.57
CA GLU A 83 -44.32 20.94 0.25
C GLU A 83 -42.81 21.16 0.03
N GLY A 84 -42.05 21.03 1.10
CA GLY A 84 -40.59 21.16 1.08
C GLY A 84 -39.87 19.90 1.51
N GLY A 85 -38.56 19.97 1.52
CA GLY A 85 -37.69 18.89 1.96
C GLY A 85 -37.02 19.24 3.26
N PHE A 86 -35.76 18.81 3.40
CA PHE A 86 -34.89 18.93 4.56
C PHE A 86 -33.74 19.87 4.31
N ALA A 87 -33.52 20.31 3.07
CA ALA A 87 -32.32 21.11 2.75
C ALA A 87 -32.42 22.60 3.06
N PHE A 88 -31.25 23.29 3.04
CA PHE A 88 -31.08 24.73 3.22
C PHE A 88 -31.78 25.54 2.11
N PRO A 89 -32.42 26.70 2.39
CA PRO A 89 -33.19 27.37 1.34
C PRO A 89 -32.43 28.39 0.48
N ASN A 90 -31.16 28.69 0.83
CA ASN A 90 -30.25 29.61 0.12
C ASN A 90 -30.72 31.08 0.19
N ASP A 93 -25.87 33.95 0.35
CA ASP A 93 -24.43 33.69 0.20
C ASP A 93 -24.15 32.56 -0.82
N HIS A 94 -25.21 31.75 -1.13
CA HIS A 94 -25.18 30.59 -2.03
C HIS A 94 -24.15 29.57 -1.52
N ILE A 95 -24.61 28.79 -0.55
CA ILE A 95 -23.79 27.80 0.13
C ILE A 95 -24.39 26.42 -0.02
N SER A 96 -25.67 26.35 -0.41
CA SER A 96 -26.36 25.07 -0.64
C SER A 96 -27.57 25.21 -1.54
N PRO A 97 -27.72 24.38 -2.58
CA PRO A 97 -26.76 23.38 -3.05
C PRO A 97 -25.56 24.03 -3.75
N ILE A 98 -24.39 23.45 -3.56
CA ILE A 98 -23.17 23.93 -4.16
C ILE A 98 -22.53 22.79 -4.95
N THR A 99 -21.91 23.12 -6.10
CA THR A 99 -21.23 22.11 -6.90
C THR A 99 -19.81 21.98 -6.42
N ILE A 100 -19.16 20.86 -6.79
CA ILE A 100 -17.77 20.65 -6.42
C ILE A 100 -16.86 21.67 -7.15
N ALA A 101 -17.25 22.08 -8.38
CA ALA A 101 -16.51 23.10 -9.14
C ALA A 101 -16.48 24.38 -8.32
N ASN A 102 -17.65 24.86 -7.87
CA ASN A 102 -17.80 26.06 -7.04
C ASN A 102 -17.15 25.88 -5.68
N LEU A 103 -17.20 24.66 -5.14
CA LEU A 103 -16.55 24.35 -3.87
C LEU A 103 -15.01 24.51 -3.99
N LYS A 104 -14.41 23.95 -5.07
CA LYS A 104 -12.98 23.99 -5.33
C LYS A 104 -12.52 25.42 -5.51
N GLU A 105 -13.35 26.20 -6.24
CA GLU A 105 -13.20 27.62 -6.52
C GLU A 105 -13.19 28.41 -5.18
N ARG A 106 -14.25 28.26 -4.35
CA ARG A 106 -14.38 28.91 -3.05
C ARG A 106 -13.18 28.71 -2.13
N TYR A 107 -12.68 27.47 -2.00
CA TYR A 107 -11.58 27.23 -1.08
C TYR A 107 -10.23 27.04 -1.73
N LYS A 108 -10.03 27.57 -2.96
CA LYS A 108 -8.75 27.45 -3.68
C LYS A 108 -7.54 27.99 -2.87
N GLU A 109 -7.74 28.98 -1.99
CA GLU A 109 -6.62 29.49 -1.18
C GLU A 109 -6.28 28.63 0.05
N ASN A 110 -7.20 27.69 0.46
CA ASN A 110 -7.00 26.80 1.63
C ASN A 110 -6.28 25.52 1.20
N ALA A 111 -5.00 25.41 1.55
CA ALA A 111 -4.20 24.25 1.17
C ALA A 111 -4.81 22.92 1.60
N ASP A 112 -5.16 22.81 2.91
CA ASP A 112 -5.74 21.63 3.56
C ASP A 112 -7.04 21.20 2.91
N LEU A 113 -7.90 22.15 2.61
CA LEU A 113 -9.17 21.84 1.97
C LEU A 113 -8.99 21.41 0.52
N MET A 114 -7.90 21.85 -0.12
CA MET A 114 -7.61 21.48 -1.50
C MET A 114 -7.05 20.05 -1.60
N LYS A 115 -6.61 19.49 -0.48
CA LYS A 115 -6.12 18.11 -0.47
C LYS A 115 -7.24 17.10 -0.13
N LEU A 116 -8.48 17.59 0.18
CA LEU A 116 -9.63 16.74 0.49
C LEU A 116 -10.28 16.19 -0.76
N ASN A 117 -10.79 14.93 -0.70
CA ASN A 117 -11.58 14.35 -1.81
C ASN A 117 -12.96 15.06 -1.87
N ASP A 118 -13.76 14.80 -2.90
CA ASP A 118 -15.07 15.45 -3.05
C ASP A 118 -16.03 15.28 -1.87
N ILE A 119 -16.19 14.03 -1.39
CA ILE A 119 -17.07 13.76 -0.24
C ILE A 119 -16.59 14.50 1.01
N ALA A 120 -15.26 14.51 1.27
CA ALA A 120 -14.73 15.14 2.47
C ALA A 120 -14.87 16.66 2.39
N LEU A 121 -14.74 17.22 1.18
CA LEU A 121 -14.85 18.64 0.93
C LEU A 121 -16.28 19.07 1.22
N CYS A 122 -17.25 18.33 0.67
CA CYS A 122 -18.67 18.58 0.88
C CYS A 122 -19.00 18.60 2.39
N LYS A 123 -18.59 17.57 3.12
CA LYS A 123 -18.82 17.51 4.55
C LYS A 123 -18.13 18.69 5.26
N THR A 124 -16.86 18.95 4.95
CA THR A 124 -16.08 20.06 5.54
C THR A 124 -16.80 21.40 5.33
N HIS A 125 -17.29 21.65 4.12
CA HIS A 125 -18.03 22.83 3.78
C HIS A 125 -19.29 22.95 4.67
N ALA A 126 -20.18 21.93 4.68
CA ALA A 126 -21.41 21.92 5.50
C ALA A 126 -21.12 22.10 6.98
N ALA A 127 -20.11 21.42 7.52
CA ALA A 127 -19.76 21.46 8.95
C ALA A 127 -19.03 22.73 9.40
N SER A 128 -18.72 23.63 8.46
CA SER A 128 -17.94 24.82 8.78
C SER A 128 -18.78 25.98 9.24
N PHE A 129 -20.01 26.09 8.69
CA PHE A 129 -20.96 27.14 8.97
C PHE A 129 -21.49 27.12 10.38
N VAL A 130 -21.34 28.28 11.02
CA VAL A 130 -21.74 28.64 12.38
C VAL A 130 -22.53 29.95 12.35
N ILE A 131 -23.25 30.24 13.45
CA ILE A 131 -23.91 31.52 13.73
C ILE A 131 -23.00 32.16 14.81
N ALA A 132 -22.26 33.25 14.46
CA ALA A 132 -21.32 33.91 15.38
C ALA A 132 -22.00 34.34 16.68
N GLU A 133 -23.19 34.93 16.55
CA GLU A 133 -24.03 35.43 17.64
C GLU A 133 -24.63 34.32 18.55
N ASP A 134 -24.16 33.06 18.37
CA ASP A 134 -24.59 31.90 19.17
C ASP A 134 -23.44 31.52 20.09
N GLN A 135 -23.78 30.96 21.27
CA GLN A 135 -22.82 30.51 22.28
C GLN A 135 -22.14 29.22 21.76
N ASN A 136 -21.08 29.39 20.91
CA ASN A 136 -20.25 28.37 20.21
C ASN A 136 -20.48 26.94 20.72
N THR A 137 -21.52 26.31 20.13
CA THR A 137 -22.01 24.96 20.42
C THR A 137 -21.26 23.95 19.55
N ASN A 138 -21.60 22.66 19.69
CA ASN A 138 -20.98 21.65 18.84
C ASN A 138 -21.92 21.33 17.70
N TYR A 139 -23.14 21.92 17.68
CA TYR A 139 -24.08 21.71 16.59
C TYR A 139 -23.44 22.23 15.31
N ARG A 140 -23.55 21.42 14.24
CA ARG A 140 -23.15 21.77 12.88
C ARG A 140 -24.15 21.07 12.00
N HIS A 141 -24.32 21.52 10.77
CA HIS A 141 -25.29 20.93 9.86
C HIS A 141 -24.75 19.64 9.21
N PRO A 142 -25.60 18.59 9.09
CA PRO A 142 -25.18 17.38 8.35
C PRO A 142 -25.25 17.67 6.84
N ALA A 143 -24.75 16.73 6.03
CA ALA A 143 -24.70 16.95 4.60
C ALA A 143 -25.16 15.77 3.78
N VAL A 144 -25.48 16.01 2.51
CA VAL A 144 -25.78 14.96 1.57
C VAL A 144 -25.04 15.29 0.28
N TYR A 145 -24.05 14.44 -0.05
CA TYR A 145 -23.33 14.60 -1.32
C TYR A 145 -23.95 13.73 -2.39
N ASP A 146 -24.26 14.34 -3.54
CA ASP A 146 -24.81 13.66 -4.70
C ASP A 146 -23.66 13.48 -5.69
N GLU A 147 -23.10 12.27 -5.70
CA GLU A 147 -21.98 11.89 -6.53
C GLU A 147 -22.19 12.03 -8.05
N LYS A 148 -23.39 11.64 -8.55
CA LYS A 148 -23.75 11.74 -9.97
C LYS A 148 -23.69 13.18 -10.43
N GLU A 149 -24.31 14.08 -9.66
CA GLU A 149 -24.42 15.50 -9.98
C GLU A 149 -23.28 16.33 -9.43
N LYS A 150 -22.36 15.72 -8.67
CA LYS A 150 -21.23 16.44 -8.04
C LYS A 150 -21.69 17.69 -7.25
N THR A 151 -22.90 17.57 -6.63
CA THR A 151 -23.58 18.62 -5.82
C THR A 151 -23.62 18.22 -4.32
N CYS A 152 -23.35 19.20 -3.47
CA CYS A 152 -23.31 19.10 -2.00
C CYS A 152 -24.53 19.83 -1.42
N TYR A 153 -25.34 19.14 -0.64
CA TYR A 153 -26.50 19.71 0.01
C TYR A 153 -26.20 19.81 1.47
N MET A 154 -26.59 20.91 2.05
CA MET A 154 -26.51 21.07 3.49
C MET A 154 -27.89 20.77 4.01
N LEU A 155 -27.98 19.89 5.01
CA LEU A 155 -29.30 19.60 5.57
C LEU A 155 -29.64 20.57 6.69
N TYR A 156 -30.87 21.07 6.68
CA TYR A 156 -31.38 21.96 7.72
C TYR A 156 -31.82 21.10 8.87
N LEU A 157 -32.39 19.92 8.55
CA LEU A 157 -32.90 18.96 9.53
C LEU A 157 -31.96 17.80 9.71
N SER A 158 -31.62 17.53 10.95
CA SER A 158 -30.77 16.43 11.37
C SER A 158 -31.65 15.20 11.62
N ALA A 159 -32.94 15.40 11.89
CA ALA A 159 -33.96 14.39 12.13
C ALA A 159 -34.01 13.37 10.98
N GLN A 160 -34.10 12.07 11.32
CA GLN A 160 -34.07 11.02 10.34
C GLN A 160 -35.37 10.22 10.24
N GLU A 161 -36.13 10.12 11.32
CA GLU A 161 -37.40 9.41 11.26
C GLU A 161 -38.49 9.94 12.19
N ASN A 162 -39.66 10.18 11.61
CA ASN A 162 -40.88 10.59 12.30
C ASN A 162 -41.95 9.70 11.69
N MET A 163 -42.23 8.61 12.40
CA MET A 163 -43.10 7.51 12.00
C MET A 163 -44.05 7.05 13.10
N GLY A 164 -44.13 7.83 14.17
CA GLY A 164 -44.97 7.60 15.34
C GLY A 164 -46.44 7.39 15.05
N PRO A 165 -47.05 6.40 15.74
CA PRO A 165 -48.45 6.03 15.44
C PRO A 165 -49.58 7.09 15.63
N ARG A 166 -49.34 8.21 16.34
CA ARG A 166 -50.38 9.24 16.49
C ARG A 166 -50.61 9.91 15.17
N TYR A 167 -49.61 10.69 14.77
CA TYR A 167 -49.67 11.50 13.57
C TYR A 167 -49.30 10.78 12.27
N CYS A 168 -48.49 9.71 12.37
CA CYS A 168 -47.91 9.04 11.19
C CYS A 168 -48.47 7.66 10.91
N SER A 169 -49.80 7.58 10.94
CA SER A 169 -50.59 6.39 10.65
C SER A 169 -51.77 6.87 9.79
N PRO A 170 -52.27 6.07 8.79
CA PRO A 170 -53.44 6.52 7.97
C PRO A 170 -54.66 7.06 8.76
N ASP A 171 -54.72 8.43 8.89
CA ASP A 171 -55.75 9.20 9.61
C ASP A 171 -55.96 10.55 8.91
N ASP A 176 -52.43 15.35 6.18
CA ASP A 176 -52.00 16.38 5.21
C ASP A 176 -51.23 17.56 5.83
N ALA A 177 -51.54 17.91 7.09
CA ALA A 177 -50.83 18.97 7.84
C ALA A 177 -49.57 18.34 8.48
N MET A 178 -49.53 16.98 8.42
CA MET A 178 -48.51 16.10 8.91
C MET A 178 -47.22 16.03 8.05
N PHE A 179 -46.09 15.72 8.71
CA PHE A 179 -44.78 15.59 8.09
C PHE A 179 -44.11 14.32 8.62
N CYS A 180 -44.41 13.18 7.97
CA CYS A 180 -43.88 11.87 8.33
C CYS A 180 -42.83 11.43 7.37
N PHE A 181 -41.73 10.91 7.92
CA PHE A 181 -40.55 10.54 7.15
C PHE A 181 -39.75 9.45 7.83
N LYS A 182 -38.98 8.72 7.02
CA LYS A 182 -38.17 7.60 7.45
C LYS A 182 -36.86 7.60 6.69
N PRO A 183 -35.76 7.05 7.27
CA PRO A 183 -34.54 6.86 6.47
C PRO A 183 -34.76 5.66 5.55
N ASP A 184 -34.11 5.62 4.40
CA ASP A 184 -34.28 4.48 3.51
C ASP A 184 -33.19 4.43 2.49
N LYS A 185 -32.99 3.26 1.92
CA LYS A 185 -32.09 3.03 0.80
C LYS A 185 -32.97 2.53 -0.35
N ASN A 186 -33.00 3.27 -1.44
CA ASN A 186 -33.75 2.89 -2.64
C ASN A 186 -33.04 3.46 -3.88
N GLU A 187 -33.36 2.94 -5.07
CA GLU A 187 -32.78 3.31 -6.37
C GLU A 187 -32.54 4.85 -6.59
N LYS A 188 -33.47 5.70 -6.17
CA LYS A 188 -33.36 7.16 -6.27
C LYS A 188 -32.21 7.75 -5.43
N PHE A 189 -31.72 7.00 -4.44
CA PHE A 189 -30.66 7.43 -3.51
C PHE A 189 -29.29 6.86 -3.76
N ASP A 190 -29.15 5.96 -4.75
CA ASP A 190 -27.90 5.27 -5.09
C ASP A 190 -26.64 6.14 -5.07
N ASN A 191 -26.74 7.34 -5.66
CA ASN A 191 -25.60 8.26 -5.79
C ASN A 191 -25.46 9.25 -4.63
N LEU A 192 -26.25 9.09 -3.57
CA LEU A 192 -26.17 9.97 -2.40
C LEU A 192 -25.31 9.42 -1.31
N VAL A 193 -24.74 10.32 -0.52
CA VAL A 193 -23.84 9.97 0.58
C VAL A 193 -24.32 10.79 1.78
N TYR A 194 -24.93 10.13 2.79
CA TYR A 194 -25.42 10.85 3.98
C TYR A 194 -24.20 11.09 4.89
N LEU A 195 -23.92 12.37 5.17
CA LEU A 195 -22.71 12.77 5.89
C LEU A 195 -22.97 13.53 7.21
N SER A 196 -22.49 13.00 8.33
CA SER A 196 -22.58 13.70 9.61
C SER A 196 -21.44 14.72 9.66
N LYS A 197 -21.51 15.69 10.56
CA LYS A 197 -20.44 16.66 10.76
C LYS A 197 -19.10 15.99 11.13
N ASN A 198 -19.13 14.72 11.62
CA ASN A 198 -17.94 13.99 12.06
C ASN A 198 -17.28 13.03 11.06
N VAL A 199 -17.80 12.96 9.83
CA VAL A 199 -17.24 12.04 8.81
C VAL A 199 -15.73 12.28 8.63
N ARG A 200 -14.91 11.23 8.75
CA ARG A 200 -13.46 11.22 8.63
C ARG A 200 -13.03 11.76 7.27
N ASN A 201 -11.98 12.58 7.25
CA ASN A 201 -11.44 13.06 5.97
C ASN A 201 -10.79 11.90 5.22
N ASP A 202 -10.17 10.96 5.97
CA ASP A 202 -9.54 9.74 5.44
C ASP A 202 -10.52 8.55 5.42
N TRP A 203 -11.83 8.81 5.19
CA TRP A 203 -12.87 7.77 5.13
C TRP A 203 -12.56 6.69 4.08
N GLU A 204 -11.85 7.05 3.01
CA GLU A 204 -11.57 6.12 1.92
C GLU A 204 -10.74 4.92 2.38
N ASN A 205 -9.90 5.12 3.41
CA ASN A 205 -9.05 4.06 3.95
C ASN A 205 -9.56 3.49 5.28
N LYS A 206 -10.42 4.25 5.98
CA LYS A 206 -10.97 3.87 7.28
C LYS A 206 -12.39 3.31 7.25
N CYS A 207 -13.13 3.47 6.15
CA CYS A 207 -14.54 3.11 6.04
C CYS A 207 -14.83 2.23 4.83
N PRO A 208 -15.94 1.45 4.88
CA PRO A 208 -16.35 0.68 3.69
C PRO A 208 -17.01 1.56 2.62
N ARG A 209 -17.16 1.02 1.42
CA ARG A 209 -17.88 1.70 0.35
C ARG A 209 -18.50 0.67 -0.56
N LYS A 210 -17.65 -0.12 -1.23
CA LYS A 210 -18.09 -1.13 -2.17
C LYS A 210 -18.42 -2.45 -1.45
N ASN A 211 -19.31 -3.21 -2.08
CA ASN A 211 -19.67 -4.56 -1.64
C ASN A 211 -18.51 -5.43 -2.09
N LEU A 212 -18.05 -6.36 -1.27
CA LEU A 212 -16.93 -7.22 -1.70
C LEU A 212 -17.46 -8.42 -2.47
N GLY A 213 -17.12 -8.51 -3.76
CA GLY A 213 -17.59 -9.60 -4.62
C GLY A 213 -16.83 -10.88 -4.36
N ASN A 214 -17.48 -12.04 -4.57
CA ASN A 214 -16.88 -13.41 -4.37
C ASN A 214 -16.27 -13.52 -3.01
N ALA A 215 -16.88 -12.85 -2.05
CA ALA A 215 -16.40 -12.79 -0.68
C ALA A 215 -17.53 -12.91 0.29
N LYS A 216 -17.26 -13.52 1.43
CA LYS A 216 -18.15 -13.52 2.55
C LYS A 216 -17.30 -13.22 3.79
N PHE A 217 -17.82 -12.44 4.72
CA PHE A 217 -17.12 -12.10 5.95
C PHE A 217 -17.04 -13.34 6.79
N GLY A 218 -15.92 -13.47 7.50
CA GLY A 218 -15.70 -14.56 8.43
C GLY A 218 -15.07 -14.08 9.71
N LEU A 219 -14.68 -15.04 10.54
CA LEU A 219 -14.03 -14.81 11.84
C LEU A 219 -12.75 -15.67 11.94
N TRP A 220 -11.60 -14.97 12.09
CA TRP A 220 -10.28 -15.58 12.19
C TRP A 220 -10.16 -16.31 13.53
N VAL A 221 -10.00 -17.65 13.47
CA VAL A 221 -9.94 -18.58 14.61
C VAL A 221 -8.92 -19.66 14.29
N ASP A 222 -7.92 -19.81 15.17
CA ASP A 222 -6.86 -20.80 15.10
C ASP A 222 -6.22 -20.89 13.69
N GLY A 223 -5.76 -19.74 13.19
CA GLY A 223 -5.10 -19.67 11.89
C GLY A 223 -5.92 -19.97 10.66
N ASN A 224 -7.25 -19.95 10.77
CA ASN A 224 -8.17 -20.16 9.65
C ASN A 224 -9.36 -19.20 9.70
N CYS A 225 -9.91 -18.86 8.52
CA CYS A 225 -11.08 -17.99 8.44
C CYS A 225 -12.34 -18.82 8.45
N GLU A 226 -13.01 -18.82 9.62
CA GLU A 226 -14.24 -19.56 9.90
C GLU A 226 -15.48 -18.75 9.58
N GLU A 227 -16.64 -19.39 9.52
CA GLU A 227 -17.90 -18.71 9.30
C GLU A 227 -18.23 -17.82 10.51
N ILE A 228 -19.13 -16.84 10.32
CA ILE A 228 -19.60 -16.04 11.45
C ILE A 228 -20.41 -17.04 12.30
N PRO A 229 -20.06 -17.16 13.60
CA PRO A 229 -20.70 -18.17 14.45
C PRO A 229 -22.22 -18.07 14.57
N TYR A 230 -22.73 -16.84 14.68
CA TYR A 230 -24.16 -16.60 14.81
C TYR A 230 -24.62 -15.57 13.81
N VAL A 231 -25.58 -15.94 12.98
CA VAL A 231 -26.14 -15.05 11.95
C VAL A 231 -27.65 -15.18 11.93
N ASN A 232 -28.33 -14.20 11.31
CA ASN A 232 -29.76 -14.24 11.09
C ASN A 232 -30.02 -14.26 9.60
N GLU A 233 -30.55 -15.39 9.12
CA GLU A 233 -30.90 -15.61 7.72
C GLU A 233 -32.22 -14.95 7.41
N VAL A 234 -32.23 -14.14 6.36
CA VAL A 234 -33.37 -13.39 5.87
C VAL A 234 -33.36 -13.64 4.38
N GLU A 235 -34.53 -13.81 3.77
CA GLU A 235 -34.63 -14.00 2.32
C GLU A 235 -34.31 -12.66 1.62
N ALA A 236 -33.46 -12.69 0.59
CA ALA A 236 -33.09 -11.54 -0.23
C ALA A 236 -32.86 -12.01 -1.65
N ARG A 237 -33.55 -11.40 -2.62
CA ARG A 237 -33.51 -11.77 -4.03
C ARG A 237 -32.41 -11.08 -4.81
N SER A 238 -31.79 -10.02 -4.26
CA SER A 238 -30.70 -9.28 -4.91
C SER A 238 -29.70 -8.72 -3.88
N LEU A 239 -28.57 -8.15 -4.39
CA LEU A 239 -27.55 -7.48 -3.59
C LEU A 239 -28.17 -6.24 -2.96
N ARG A 240 -28.97 -5.47 -3.75
CA ARG A 240 -29.69 -4.30 -3.29
C ARG A 240 -30.56 -4.64 -2.08
N GLU A 241 -31.39 -5.69 -2.23
CA GLU A 241 -32.30 -6.15 -1.18
C GLU A 241 -31.55 -6.51 0.10
N CYS A 242 -30.46 -7.30 0.01
CA CYS A 242 -29.67 -7.68 1.20
C CYS A 242 -29.06 -6.47 1.90
N ASN A 243 -28.49 -5.55 1.10
CA ASN A 243 -27.91 -4.30 1.55
C ASN A 243 -29.00 -3.45 2.25
N ARG A 244 -30.23 -3.45 1.69
CA ARG A 244 -31.32 -2.72 2.32
C ARG A 244 -31.72 -3.35 3.69
N ILE A 245 -31.76 -4.70 3.78
CA ILE A 245 -32.10 -5.45 4.99
C ILE A 245 -31.12 -5.10 6.11
N VAL A 246 -29.81 -5.19 5.83
CA VAL A 246 -28.76 -4.89 6.81
C VAL A 246 -28.82 -3.40 7.26
N PHE A 247 -29.14 -2.46 6.34
CA PHE A 247 -29.26 -1.05 6.71
C PHE A 247 -30.39 -0.93 7.67
N GLU A 248 -31.49 -1.61 7.34
CA GLU A 248 -32.74 -1.61 8.13
C GLU A 248 -32.58 -2.27 9.50
N ALA A 249 -31.56 -3.07 9.67
CA ALA A 249 -31.28 -3.76 10.92
C ALA A 249 -30.10 -3.15 11.67
N SER A 250 -29.36 -2.23 11.03
CA SER A 250 -28.14 -1.65 11.59
C SER A 250 -28.35 -0.79 12.84
N ALA A 251 -27.19 -0.43 13.49
CA ALA A 251 -27.08 0.44 14.65
C ALA A 251 -28.02 1.60 14.45
N SER A 252 -28.91 1.85 15.42
CA SER A 252 -29.87 2.95 15.34
C SER A 252 -29.92 3.68 16.64
N ASP A 253 -30.03 5.01 16.55
CA ASP A 253 -29.96 5.88 17.71
C ASP A 253 -31.31 6.31 18.15
N GLN A 254 -32.33 5.72 17.58
CA GLN A 254 -33.67 6.06 17.93
C GLN A 254 -34.52 4.81 17.74
N PRO A 255 -35.39 4.47 18.73
CA PRO A 255 -36.27 3.30 18.55
C PRO A 255 -37.30 3.54 17.44
N ARG A 256 -37.81 2.47 16.85
CA ARG A 256 -38.80 2.58 15.78
C ARG A 256 -40.09 3.05 16.37
N GLN A 257 -40.85 3.85 15.57
CA GLN A 257 -42.15 4.42 15.90
C GLN A 257 -42.07 5.43 17.07
N TYR A 258 -40.85 5.95 17.37
CA TYR A 258 -40.58 6.96 18.38
C TYR A 258 -41.38 8.20 18.11
N GLU A 259 -41.96 8.72 19.18
CA GLU A 259 -42.81 9.89 19.14
C GLU A 259 -42.79 10.57 20.49
N GLU A 260 -42.90 11.90 20.46
CA GLU A 260 -43.01 12.70 21.67
C GLU A 260 -44.43 13.28 21.70
N GLU A 261 -45.08 13.25 22.88
CA GLU A 261 -46.46 13.73 23.11
C GLU A 261 -46.58 15.21 22.70
N LEU A 262 -45.69 16.06 23.26
CA LEU A 262 -45.63 17.51 23.10
C LEU A 262 -45.45 18.01 21.63
N THR A 263 -45.02 17.14 20.69
CA THR A 263 -44.82 17.50 19.28
C THR A 263 -46.05 18.23 18.71
N ASP A 264 -45.86 19.50 18.39
CA ASP A 264 -46.91 20.38 17.85
C ASP A 264 -46.56 20.78 16.43
N TYR A 265 -47.20 20.12 15.45
CA TYR A 265 -46.99 20.34 14.01
C TYR A 265 -47.27 21.75 13.58
N GLU A 266 -48.28 22.39 14.21
CA GLU A 266 -48.73 23.76 13.94
C GLU A 266 -47.65 24.78 14.36
N LYS A 267 -47.07 24.59 15.56
CA LYS A 267 -45.99 25.41 16.10
C LYS A 267 -44.73 25.22 15.21
N ILE A 268 -44.47 23.95 14.77
CA ILE A 268 -43.32 23.61 13.93
C ILE A 268 -43.47 24.30 12.56
N GLN A 269 -44.64 24.10 11.88
CA GLN A 269 -45.03 24.68 10.60
C GLN A 269 -44.96 26.21 10.66
N GLU A 270 -45.31 26.77 11.84
CA GLU A 270 -45.26 28.20 12.15
C GLU A 270 -43.79 28.64 12.20
N GLY A 271 -42.96 27.88 12.92
CA GLY A 271 -41.52 28.11 13.03
C GLY A 271 -40.81 28.10 11.70
N PHE A 272 -41.23 27.20 10.78
CA PHE A 272 -40.67 27.10 9.43
C PHE A 272 -41.10 28.33 8.61
N ARG A 273 -42.42 28.59 8.51
CA ARG A 273 -42.93 29.76 7.77
C ARG A 273 -42.33 31.06 8.27
N GLN A 274 -42.06 31.12 9.59
CA GLN A 274 -41.46 32.29 10.25
C GLN A 274 -39.94 32.34 10.22
N ASN A 275 -39.28 31.36 9.53
CA ASN A 275 -37.82 31.22 9.40
C ASN A 275 -37.07 31.23 10.75
N ASN A 276 -37.71 30.66 11.78
CA ASN A 276 -37.11 30.51 13.11
C ASN A 276 -36.07 29.39 13.00
N ARG A 277 -34.82 29.80 12.79
CA ARG A 277 -33.66 28.93 12.62
C ARG A 277 -33.56 27.80 13.68
N ASP A 278 -33.65 28.13 14.99
CA ASP A 278 -33.57 27.13 16.07
C ASP A 278 -34.73 26.11 16.08
N MET A 279 -35.94 26.54 15.71
CA MET A 279 -37.09 25.64 15.67
C MET A 279 -36.97 24.65 14.50
N ILE A 280 -36.57 25.16 13.32
CA ILE A 280 -36.32 24.37 12.11
C ILE A 280 -35.18 23.35 12.37
N LYS A 281 -34.06 23.82 12.94
CA LYS A 281 -32.86 23.01 13.26
C LYS A 281 -33.13 21.80 14.15
N SER A 282 -33.97 22.02 15.19
CA SER A 282 -34.33 21.03 16.19
C SER A 282 -35.60 20.27 15.82
N ALA A 283 -36.28 20.64 14.70
CA ALA A 283 -37.53 19.98 14.31
C ALA A 283 -37.46 18.44 14.25
N PHE A 284 -38.37 17.78 14.97
CA PHE A 284 -38.55 16.33 15.09
C PHE A 284 -37.39 15.61 15.74
N LEU A 285 -36.54 16.34 16.47
CA LEU A 285 -35.37 15.75 17.13
C LEU A 285 -35.69 15.28 18.53
N PRO A 286 -35.26 14.07 18.90
CA PRO A 286 -35.46 13.62 20.29
C PRO A 286 -34.56 14.43 21.23
N VAL A 287 -34.97 14.49 22.51
CA VAL A 287 -34.26 15.17 23.60
C VAL A 287 -33.01 14.34 24.12
N SER A 292 -31.12 8.28 28.22
CA SER A 292 -30.63 9.25 27.24
C SER A 292 -29.42 8.73 26.44
N ASP A 293 -28.22 8.58 27.10
CA ASP A 293 -27.00 8.06 26.48
C ASP A 293 -27.19 6.59 26.09
N ASN A 294 -28.19 5.91 26.69
CA ASN A 294 -28.48 4.51 26.38
C ASN A 294 -29.20 4.36 25.01
N PHE A 295 -29.79 5.46 24.49
CA PHE A 295 -30.44 5.49 23.17
C PHE A 295 -29.42 5.51 22.04
N LYS A 296 -28.15 5.86 22.38
CA LYS A 296 -27.02 5.94 21.47
C LYS A 296 -26.47 4.54 21.26
N SER A 297 -26.45 4.10 19.98
CA SER A 297 -25.95 2.77 19.61
C SER A 297 -24.44 2.69 19.71
N LYS A 298 -23.71 3.80 19.44
CA LYS A 298 -22.25 3.90 19.41
C LYS A 298 -21.62 2.99 18.32
N GLY A 299 -22.46 2.55 17.37
CA GLY A 299 -22.06 1.72 16.25
C GLY A 299 -22.41 0.26 16.38
N ARG A 300 -22.98 -0.13 17.51
CA ARG A 300 -23.38 -1.51 17.82
C ARG A 300 -24.68 -1.84 17.12
N GLY A 301 -24.72 -2.98 16.46
CA GLY A 301 -25.92 -3.46 15.76
C GLY A 301 -25.59 -4.47 14.69
N TYR A 302 -26.63 -4.94 13.99
CA TYR A 302 -26.54 -5.87 12.86
C TYR A 302 -26.14 -5.02 11.66
N ASN A 303 -24.81 -4.80 11.51
CA ASN A 303 -24.26 -3.91 10.51
C ASN A 303 -23.70 -4.57 9.30
N TRP A 304 -23.46 -5.88 9.38
CA TRP A 304 -22.85 -6.64 8.29
C TRP A 304 -23.82 -7.70 7.80
N ALA A 305 -23.63 -8.11 6.53
CA ALA A 305 -24.38 -9.15 5.87
C ALA A 305 -23.53 -9.81 4.79
N ASN A 306 -23.71 -11.12 4.65
CA ASN A 306 -23.14 -11.99 3.63
C ASN A 306 -24.35 -12.42 2.82
N PHE A 307 -24.43 -11.94 1.58
CA PHE A 307 -25.49 -12.24 0.63
C PHE A 307 -25.09 -13.44 -0.25
N ASP A 308 -25.90 -14.50 -0.25
CA ASP A 308 -25.73 -15.69 -1.06
C ASP A 308 -26.58 -15.44 -2.30
N SER A 309 -25.93 -15.00 -3.40
CA SER A 309 -26.63 -14.64 -4.64
C SER A 309 -27.32 -15.82 -5.37
N VAL A 310 -26.88 -17.04 -5.08
CA VAL A 310 -27.44 -18.21 -5.72
C VAL A 310 -28.70 -18.67 -4.98
N ASN A 311 -28.59 -18.94 -3.65
CA ASN A 311 -29.69 -19.43 -2.81
C ASN A 311 -30.61 -18.34 -2.25
N ASN A 312 -30.40 -17.08 -2.68
CA ASN A 312 -31.16 -15.89 -2.33
C ASN A 312 -31.37 -15.71 -0.81
N LYS A 313 -30.24 -15.72 -0.07
CA LYS A 313 -30.21 -15.55 1.39
C LYS A 313 -29.30 -14.37 1.82
N CYS A 314 -29.69 -13.68 2.90
CA CYS A 314 -28.98 -12.53 3.45
C CYS A 314 -28.69 -12.87 4.91
N TYR A 315 -27.43 -13.13 5.25
CA TYR A 315 -27.04 -13.52 6.60
C TYR A 315 -26.50 -12.33 7.35
N ILE A 316 -27.37 -11.67 8.10
CA ILE A 316 -26.99 -10.47 8.85
C ILE A 316 -26.37 -10.91 10.18
N PHE A 317 -25.46 -10.08 10.69
CA PHE A 317 -24.81 -10.39 11.97
C PHE A 317 -24.40 -9.13 12.68
N ASN A 318 -24.13 -9.24 13.98
CA ASN A 318 -23.80 -8.06 14.79
C ASN A 318 -22.45 -8.07 15.48
N THR A 319 -21.58 -9.04 15.17
CA THR A 319 -20.21 -9.12 15.71
C THR A 319 -19.25 -8.77 14.59
N LYS A 320 -18.23 -7.94 14.85
CA LYS A 320 -17.35 -7.56 13.78
C LYS A 320 -16.64 -8.75 13.09
N PRO A 321 -16.60 -8.72 11.74
CA PRO A 321 -15.85 -9.74 11.01
C PRO A 321 -14.33 -9.48 11.08
N THR A 322 -13.50 -10.54 11.11
CA THR A 322 -12.05 -10.36 11.22
C THR A 322 -11.27 -10.96 10.06
N CYS A 323 -11.95 -11.45 9.02
CA CYS A 323 -11.35 -12.01 7.81
C CYS A 323 -12.37 -12.16 6.70
N LEU A 324 -11.92 -12.55 5.49
CA LEU A 324 -12.82 -12.78 4.34
C LEU A 324 -12.63 -14.20 3.87
N ILE A 325 -13.72 -14.81 3.35
CA ILE A 325 -13.70 -16.14 2.74
C ILE A 325 -14.01 -15.91 1.27
N ASN A 326 -13.21 -16.50 0.39
CA ASN A 326 -13.39 -16.42 -1.05
C ASN A 326 -14.43 -17.44 -1.43
N ASP A 327 -15.60 -16.94 -1.83
CA ASP A 327 -16.73 -17.75 -2.20
C ASP A 327 -17.49 -16.99 -3.29
N LYS A 328 -17.42 -17.48 -4.52
CA LYS A 328 -18.02 -16.88 -5.71
C LYS A 328 -19.56 -16.72 -5.66
N ASN A 329 -20.22 -17.43 -4.74
CA ASN A 329 -21.67 -17.30 -4.58
C ASN A 329 -22.03 -16.07 -3.79
N PHE A 330 -21.07 -15.54 -3.01
CA PHE A 330 -21.36 -14.48 -2.05
C PHE A 330 -20.88 -13.10 -2.38
N PHE A 331 -21.45 -12.13 -1.61
CA PHE A 331 -21.09 -10.72 -1.52
C PHE A 331 -21.02 -10.35 -0.04
N ALA A 332 -20.01 -9.55 0.34
CA ALA A 332 -19.86 -9.07 1.73
C ALA A 332 -20.34 -7.59 1.75
N THR A 333 -21.51 -7.37 2.35
CA THR A 333 -22.06 -6.02 2.43
C THR A 333 -22.19 -5.51 3.87
N THR A 334 -22.35 -4.22 4.04
CA THR A 334 -22.57 -3.61 5.34
C THR A 334 -23.64 -2.55 5.11
N ALA A 335 -24.25 -2.07 6.17
CA ALA A 335 -25.24 -1.01 6.25
C ALA A 335 -24.68 0.33 5.72
N LEU A 336 -23.34 0.52 5.74
CA LEU A 336 -22.72 1.74 5.23
C LEU A 336 -22.47 1.65 3.74
N SER A 337 -22.32 0.43 3.23
CA SER A 337 -21.93 0.13 1.83
C SER A 337 -22.93 0.60 0.75
N HIS A 338 -22.42 0.97 -0.42
CA HIS A 338 -23.16 1.40 -1.61
C HIS A 338 -24.11 0.29 -2.00
N PRO A 339 -25.36 0.58 -2.38
CA PRO A 339 -26.32 -0.50 -2.74
C PRO A 339 -25.97 -1.41 -3.92
N GLN A 340 -25.00 -1.02 -4.79
CA GLN A 340 -24.71 -1.72 -6.04
C GLN A 340 -23.26 -1.95 -6.34
N GLU A 341 -22.38 -0.94 -6.14
CA GLU A 341 -20.96 -0.97 -6.41
C GLU A 341 -20.30 -2.20 -5.82
N VAL A 342 -19.53 -2.94 -6.65
CA VAL A 342 -18.83 -4.18 -6.23
C VAL A 342 -17.33 -4.13 -6.52
N ASP A 343 -16.53 -4.66 -5.61
CA ASP A 343 -15.09 -4.81 -5.80
C ASP A 343 -14.88 -6.32 -5.95
N ASN A 344 -14.64 -6.80 -7.18
CA ASN A 344 -14.51 -8.25 -7.35
C ASN A 344 -13.09 -8.78 -7.04
N GLU A 345 -12.09 -7.89 -6.85
CA GLU A 345 -10.71 -8.24 -6.55
C GLU A 345 -10.59 -8.92 -5.16
N PHE A 346 -10.69 -10.27 -5.09
CA PHE A 346 -10.52 -10.90 -3.79
C PHE A 346 -9.06 -10.67 -3.34
N PRO A 347 -8.81 -10.20 -2.09
CA PRO A 347 -7.43 -9.96 -1.67
C PRO A 347 -6.63 -11.24 -1.58
N GLY A 348 -5.38 -11.20 -2.04
CA GLY A 348 -4.50 -12.37 -2.03
C GLY A 348 -3.66 -12.51 -0.79
N LEU A 349 -3.88 -11.66 0.21
CA LEU A 349 -3.10 -11.63 1.45
C LEU A 349 -3.06 -12.99 2.24
N GLU A 350 -3.87 -13.97 1.87
CA GLU A 350 -3.83 -15.26 2.53
C GLU A 350 -3.04 -16.30 1.73
N GLN A 351 -2.87 -16.06 0.40
CA GLN A 351 -2.14 -16.94 -0.51
C GLN A 351 -0.67 -17.03 -0.06
N LYS A 352 -0.11 -18.25 0.00
CA LYS A 352 1.26 -18.44 0.47
C LYS A 352 2.26 -18.76 -0.64
N LEU A 353 3.55 -18.40 -0.39
CA LEU A 353 4.63 -18.70 -1.33
C LEU A 353 4.93 -20.17 -1.24
N ILE A 354 4.86 -20.85 -2.40
CA ILE A 354 5.10 -22.27 -2.56
C ILE A 354 6.34 -22.44 -3.42
N SER A 355 7.08 -23.51 -3.19
CA SER A 355 8.27 -23.72 -3.96
C SER A 355 8.09 -24.68 -5.13
N GLU A 356 8.94 -24.51 -6.14
CA GLU A 356 9.08 -25.44 -7.25
C GLU A 356 10.10 -26.51 -6.73
N GLU A 357 11.09 -26.02 -5.90
CA GLU A 357 12.19 -26.70 -5.21
C GLU A 357 13.16 -27.44 -6.16
N SER B 12 48.63 -15.47 -29.73
CA SER B 12 47.76 -16.33 -28.95
C SER B 12 47.81 -15.99 -27.44
N ASN B 13 46.72 -15.40 -26.93
CA ASN B 13 46.62 -14.99 -25.53
C ASN B 13 46.57 -16.19 -24.54
N PRO B 14 47.64 -16.41 -23.72
CA PRO B 14 47.57 -17.50 -22.74
C PRO B 14 46.57 -17.21 -21.59
N TRP B 15 46.13 -15.93 -21.45
CA TRP B 15 45.14 -15.44 -20.47
C TRP B 15 43.68 -15.62 -20.86
N LYS B 16 43.37 -15.87 -22.15
CA LYS B 16 41.99 -15.95 -22.68
C LYS B 16 40.97 -16.64 -21.76
N ALA B 17 41.17 -17.91 -21.39
CA ALA B 17 40.20 -18.60 -20.53
C ALA B 17 40.16 -18.09 -19.11
N PHE B 18 41.32 -17.74 -18.56
CA PHE B 18 41.45 -17.23 -17.19
C PHE B 18 40.66 -15.93 -17.01
N MET B 19 40.75 -15.07 -18.01
CA MET B 19 40.14 -13.74 -18.07
C MET B 19 38.66 -13.73 -18.41
N GLU B 20 38.08 -14.89 -18.80
CA GLU B 20 36.66 -14.96 -19.13
C GLU B 20 35.80 -14.49 -17.99
N LYS B 21 36.18 -14.81 -16.76
CA LYS B 21 35.40 -14.35 -15.63
C LYS B 21 35.47 -12.82 -15.42
N TYR B 22 36.43 -12.11 -16.07
CA TYR B 22 36.45 -10.68 -15.91
C TYR B 22 35.72 -10.00 -17.07
N ASP B 23 35.11 -10.80 -17.98
CA ASP B 23 34.25 -10.29 -19.08
C ASP B 23 32.88 -10.18 -18.46
N LEU B 24 32.67 -9.15 -17.62
CA LEU B 24 31.41 -8.92 -16.88
C LEU B 24 30.19 -8.67 -17.74
N GLU B 25 30.35 -8.24 -18.99
CA GLU B 25 29.17 -8.02 -19.84
C GLU B 25 28.59 -9.39 -20.12
N ARG B 26 29.46 -10.40 -20.31
CA ARG B 26 29.06 -11.78 -20.56
CA ARG B 26 29.04 -11.77 -20.55
C ARG B 26 28.78 -12.54 -19.24
N ALA B 27 29.70 -12.44 -18.24
CA ALA B 27 29.61 -13.12 -16.95
C ALA B 27 28.41 -12.69 -16.10
N HIS B 28 28.22 -11.37 -15.94
CA HIS B 28 27.10 -10.79 -15.18
C HIS B 28 25.89 -10.49 -16.07
N ASN B 29 26.13 -9.83 -17.19
CA ASN B 29 25.12 -9.50 -18.20
C ASN B 29 23.99 -8.62 -17.73
N SER B 30 24.24 -7.81 -16.71
CA SER B 30 23.24 -6.87 -16.21
C SER B 30 23.96 -5.78 -15.41
N GLY B 31 23.20 -4.80 -14.93
CA GLY B 31 23.70 -3.72 -14.09
C GLY B 31 24.30 -4.26 -12.81
N ILE B 32 25.24 -3.49 -12.21
CA ILE B 32 25.92 -3.88 -10.99
C ILE B 32 25.50 -2.99 -9.89
N ARG B 33 25.75 -1.68 -10.04
CA ARG B 33 25.38 -0.72 -9.00
C ARG B 33 23.90 -0.87 -8.71
N ILE B 34 23.09 -0.82 -9.79
CA ILE B 34 21.67 -1.06 -9.76
C ILE B 34 21.42 -2.11 -10.83
N ASP B 35 20.99 -3.30 -10.42
CA ASP B 35 20.66 -4.44 -11.30
C ASP B 35 19.13 -4.49 -11.41
N LEU B 36 18.60 -4.21 -12.61
CA LEU B 36 17.16 -4.20 -12.95
C LEU B 36 17.10 -4.46 -14.45
N GLY B 37 17.58 -5.63 -14.85
CA GLY B 37 17.71 -5.97 -16.26
C GLY B 37 16.71 -6.94 -16.86
N GLU B 38 15.71 -7.35 -16.07
CA GLU B 38 14.73 -8.26 -16.61
C GLU B 38 13.34 -7.72 -16.41
N ASP B 39 12.53 -7.73 -17.48
CA ASP B 39 11.13 -7.29 -17.40
C ASP B 39 10.31 -8.38 -16.68
N ALA B 40 9.55 -8.00 -15.64
CA ALA B 40 8.70 -8.90 -14.88
C ALA B 40 7.35 -8.26 -14.56
N GLU B 41 6.26 -9.02 -14.80
CA GLU B 41 4.90 -8.56 -14.51
C GLU B 41 4.58 -8.76 -13.04
N VAL B 42 4.11 -7.69 -12.38
CA VAL B 42 3.69 -7.70 -10.98
C VAL B 42 2.29 -7.10 -11.01
N GLY B 43 1.29 -7.95 -10.73
CA GLY B 43 -0.12 -7.59 -10.81
C GLY B 43 -0.50 -7.21 -12.23
N ASN B 44 -0.93 -5.96 -12.38
CA ASN B 44 -1.33 -5.38 -13.66
C ASN B 44 -0.14 -5.03 -14.58
N SER B 45 0.82 -4.24 -14.06
CA SER B 45 1.96 -3.65 -14.76
C SER B 45 3.23 -4.52 -14.88
N LYS B 46 4.14 -4.08 -15.79
CA LYS B 46 5.44 -4.68 -16.11
C LYS B 46 6.55 -3.81 -15.50
N TYR B 47 7.35 -4.39 -14.59
CA TYR B 47 8.45 -3.73 -13.88
C TYR B 47 9.77 -4.39 -14.26
N ARG B 48 10.90 -3.81 -13.82
CA ARG B 48 12.19 -4.43 -14.10
C ARG B 48 12.77 -4.91 -12.80
N ILE B 49 13.28 -6.13 -12.82
CA ILE B 49 13.83 -6.78 -11.64
C ILE B 49 15.27 -7.24 -11.84
N PRO B 50 16.08 -7.36 -10.76
CA PRO B 50 17.45 -7.90 -10.91
C PRO B 50 17.56 -9.12 -11.83
N ALA B 51 18.55 -9.11 -12.76
CA ALA B 51 18.80 -10.16 -13.73
C ALA B 51 20.29 -10.64 -13.79
N GLY B 52 21.13 -10.08 -12.94
CA GLY B 52 22.56 -10.37 -12.93
C GLY B 52 22.92 -11.81 -12.67
N LYS B 53 23.80 -12.36 -13.52
CA LYS B 53 24.25 -13.75 -13.39
C LYS B 53 25.43 -13.95 -12.38
N CYS B 54 26.02 -12.86 -11.85
CA CYS B 54 27.09 -12.98 -10.86
C CYS B 54 26.65 -12.46 -9.49
N PRO B 55 27.17 -13.05 -8.40
CA PRO B 55 26.87 -12.49 -7.08
C PRO B 55 27.64 -11.14 -6.92
N VAL B 56 27.07 -10.21 -6.16
CA VAL B 56 27.74 -8.95 -5.88
C VAL B 56 28.22 -8.99 -4.42
N PHE B 57 29.54 -9.06 -4.25
CA PHE B 57 30.14 -9.15 -2.91
C PHE B 57 30.27 -7.80 -2.27
N GLY B 58 29.84 -7.70 -1.01
CA GLY B 58 29.91 -6.49 -0.20
C GLY B 58 28.84 -5.45 -0.42
N LYS B 59 27.89 -5.70 -1.36
CA LYS B 59 26.77 -4.79 -1.68
C LYS B 59 25.60 -4.96 -0.71
N GLY B 60 25.05 -3.81 -0.32
CA GLY B 60 23.85 -3.71 0.49
C GLY B 60 23.04 -2.49 0.07
N ILE B 61 21.91 -2.28 0.74
CA ILE B 61 21.06 -1.11 0.52
C ILE B 61 21.12 -0.29 1.82
N VAL B 62 21.46 1.00 1.71
CA VAL B 62 21.50 1.89 2.88
C VAL B 62 20.20 2.73 2.84
N ILE B 63 19.44 2.73 3.95
CA ILE B 63 18.22 3.51 4.09
C ILE B 63 18.58 4.86 4.76
N GLU B 64 18.23 5.98 4.11
CA GLU B 64 18.52 7.34 4.57
C GLU B 64 17.86 7.67 5.90
N ASN B 65 18.66 8.22 6.85
CA ASN B 65 18.23 8.59 8.22
C ASN B 65 17.48 7.44 8.87
N SER B 66 18.13 6.28 8.87
CA SER B 66 17.58 5.10 9.51
C SER B 66 18.71 4.28 10.06
N LYS B 67 18.53 3.76 11.26
CA LYS B 67 19.53 2.89 11.85
C LYS B 67 19.11 1.44 11.58
N VAL B 68 17.92 1.28 10.96
CA VAL B 68 17.34 -0.02 10.63
C VAL B 68 18.05 -0.58 9.40
N SER B 69 18.60 -1.80 9.53
CA SER B 69 19.28 -2.53 8.47
C SER B 69 18.25 -2.88 7.40
N PHE B 70 18.66 -2.90 6.13
CA PHE B 70 17.77 -3.26 5.02
C PHE B 70 17.41 -4.76 5.07
N LEU B 71 18.18 -5.55 5.86
CA LEU B 71 17.96 -6.99 6.06
C LEU B 71 16.84 -7.23 7.08
N THR B 72 16.39 -6.16 7.77
CA THR B 72 15.26 -6.21 8.69
C THR B 72 13.98 -6.41 7.80
N PRO B 73 12.95 -7.20 8.22
CA PRO B 73 11.78 -7.38 7.34
C PRO B 73 11.04 -6.06 7.08
N VAL B 74 10.28 -5.99 5.97
CA VAL B 74 9.50 -4.80 5.56
C VAL B 74 8.49 -4.40 6.64
N ALA B 75 8.20 -3.08 6.75
CA ALA B 75 7.24 -2.48 7.69
C ALA B 75 5.87 -3.16 7.67
N THR B 76 5.36 -3.48 8.87
CA THR B 76 4.05 -4.11 9.06
C THR B 76 3.23 -3.37 10.12
N GLY B 77 1.96 -3.17 9.78
CA GLY B 77 0.95 -2.49 10.58
C GLY B 77 1.26 -1.04 10.90
N ALA B 78 1.39 -0.75 12.22
CA ALA B 78 1.65 0.57 12.81
C ALA B 78 2.92 1.21 12.25
N GLN B 79 3.98 0.38 12.11
CA GLN B 79 5.31 0.74 11.60
C GLN B 79 5.23 1.56 10.33
N ARG B 80 5.99 2.66 10.32
CA ARG B 80 6.17 3.53 9.16
C ARG B 80 7.21 2.78 8.28
N LEU B 81 7.26 3.06 6.94
CA LEU B 81 8.20 2.41 6.01
C LEU B 81 9.64 2.38 6.58
N LYS B 82 10.11 3.56 7.03
CA LYS B 82 11.41 3.80 7.64
C LYS B 82 11.69 2.97 8.92
N GLU B 83 10.67 2.25 9.48
CA GLU B 83 10.85 1.41 10.68
C GLU B 83 11.23 -0.05 10.34
N GLY B 84 11.10 -0.41 9.06
CA GLY B 84 11.44 -1.73 8.55
C GLY B 84 12.53 -1.69 7.49
N GLY B 85 12.88 -2.87 6.98
CA GLY B 85 13.86 -3.01 5.92
C GLY B 85 13.21 -3.43 4.63
N PHE B 86 13.91 -4.29 3.88
CA PHE B 86 13.57 -4.80 2.55
C PHE B 86 13.26 -6.28 2.59
N ALA B 87 13.53 -6.97 3.72
CA ALA B 87 13.38 -8.42 3.76
C ALA B 87 11.95 -8.95 4.00
N PHE B 88 11.76 -10.26 3.76
CA PHE B 88 10.54 -11.01 3.99
C PHE B 88 10.15 -11.04 5.45
N PRO B 89 8.86 -10.76 5.78
CA PRO B 89 8.43 -10.87 7.18
C PRO B 89 8.14 -12.35 7.42
N ASN B 90 8.46 -12.92 8.60
CA ASN B 90 8.18 -14.35 8.66
C ASN B 90 6.75 -14.69 9.02
N ALA B 91 6.12 -15.47 8.11
CA ALA B 91 4.78 -16.02 8.23
C ALA B 91 4.94 -17.44 8.85
N ASP B 92 3.98 -18.35 8.61
CA ASP B 92 4.01 -19.72 9.16
C ASP B 92 4.64 -20.74 8.16
N ASP B 93 5.54 -20.23 7.27
CA ASP B 93 6.25 -21.02 6.24
C ASP B 93 7.75 -21.12 6.50
N HIS B 94 8.30 -20.14 7.27
CA HIS B 94 9.71 -19.96 7.60
C HIS B 94 10.59 -20.14 6.37
N ILE B 95 10.69 -19.08 5.59
CA ILE B 95 11.42 -19.09 4.34
C ILE B 95 12.53 -18.07 4.40
N SER B 96 12.43 -17.07 5.31
CA SER B 96 13.43 -16.03 5.48
C SER B 96 13.35 -15.31 6.84
N PRO B 97 14.50 -15.08 7.53
CA PRO B 97 15.85 -15.56 7.20
C PRO B 97 16.00 -17.05 7.51
N ILE B 98 16.78 -17.75 6.71
CA ILE B 98 17.00 -19.18 6.92
C ILE B 98 18.50 -19.49 6.85
N THR B 99 19.01 -20.30 7.82
CA THR B 99 20.43 -20.64 7.91
C THR B 99 20.77 -21.73 6.91
N ILE B 100 22.07 -21.88 6.62
CA ILE B 100 22.50 -22.90 5.68
C ILE B 100 22.26 -24.30 6.29
N ALA B 101 22.35 -24.42 7.65
CA ALA B 101 22.07 -25.67 8.34
C ALA B 101 20.64 -26.10 8.05
N ASN B 102 19.66 -25.18 8.25
CA ASN B 102 18.24 -25.40 7.99
C ASN B 102 17.99 -25.58 6.50
N LEU B 103 18.75 -24.86 5.65
CA LEU B 103 18.64 -25.01 4.20
C LEU B 103 19.03 -26.42 3.75
N LYS B 104 20.16 -26.94 4.29
CA LYS B 104 20.71 -28.26 3.97
C LYS B 104 19.72 -29.33 4.41
N GLU B 105 19.15 -29.14 5.62
CA GLU B 105 18.13 -29.96 6.25
C GLU B 105 16.87 -30.01 5.34
N ARG B 106 16.30 -28.83 4.99
CA ARG B 106 15.13 -28.73 4.13
C ARG B 106 15.25 -29.47 2.83
N TYR B 107 16.38 -29.31 2.10
CA TYR B 107 16.50 -29.95 0.79
C TYR B 107 17.40 -31.17 0.76
N LYS B 108 17.58 -31.85 1.92
CA LYS B 108 18.44 -33.06 1.99
C LYS B 108 18.04 -34.16 0.98
N GLU B 109 16.76 -34.27 0.62
CA GLU B 109 16.33 -35.27 -0.35
C GLU B 109 16.58 -34.86 -1.85
N ASN B 110 16.87 -33.55 -2.12
CA ASN B 110 17.13 -33.04 -3.49
C ASN B 110 18.60 -33.16 -3.82
N ALA B 111 18.94 -34.12 -4.69
CA ALA B 111 20.33 -34.37 -5.08
C ALA B 111 21.05 -33.13 -5.63
N ASP B 112 20.43 -32.48 -6.64
CA ASP B 112 20.93 -31.29 -7.34
C ASP B 112 21.17 -30.14 -6.39
N LEU B 113 20.25 -29.90 -5.47
CA LEU B 113 20.40 -28.80 -4.52
C LEU B 113 21.47 -29.10 -3.50
N MET B 114 21.73 -30.38 -3.24
CA MET B 114 22.75 -30.79 -2.28
C MET B 114 24.16 -30.65 -2.86
N LYS B 115 24.27 -30.53 -4.20
CA LYS B 115 25.56 -30.35 -4.83
C LYS B 115 25.93 -28.85 -4.99
N LEU B 116 24.98 -27.93 -4.64
CA LEU B 116 25.20 -26.49 -4.74
C LEU B 116 26.02 -25.97 -3.58
N ASN B 117 26.87 -24.96 -3.83
CA ASN B 117 27.61 -24.29 -2.76
C ASN B 117 26.61 -23.43 -1.93
N ASP B 118 27.04 -22.85 -0.80
CA ASP B 118 26.16 -22.07 0.06
C ASP B 118 25.48 -20.90 -0.65
N ILE B 119 26.24 -20.07 -1.38
CA ILE B 119 25.69 -18.93 -2.09
C ILE B 119 24.64 -19.37 -3.12
N ALA B 120 24.92 -20.44 -3.88
CA ALA B 120 24.01 -20.89 -4.93
C ALA B 120 22.75 -21.48 -4.31
N LEU B 121 22.87 -22.15 -3.14
CA LEU B 121 21.76 -22.77 -2.42
C LEU B 121 20.83 -21.65 -1.95
N CYS B 122 21.40 -20.62 -1.33
CA CYS B 122 20.64 -19.47 -0.88
C CYS B 122 19.83 -18.82 -2.03
N LYS B 123 20.48 -18.55 -3.15
CA LYS B 123 19.82 -17.98 -4.32
C LYS B 123 18.74 -18.92 -4.83
N THR B 124 19.05 -20.21 -4.98
CA THR B 124 18.10 -21.23 -5.45
C THR B 124 16.86 -21.27 -4.56
N HIS B 125 17.06 -21.24 -3.24
CA HIS B 125 15.98 -21.23 -2.28
C HIS B 125 15.09 -19.99 -2.52
N ALA B 126 15.66 -18.77 -2.46
CA ALA B 126 14.90 -17.52 -2.68
C ALA B 126 14.16 -17.49 -4.03
N ALA B 127 14.81 -17.92 -5.12
CA ALA B 127 14.25 -17.89 -6.47
C ALA B 127 13.23 -19.01 -6.75
N SER B 128 13.00 -19.91 -5.78
CA SER B 128 12.11 -21.04 -6.00
C SER B 128 10.65 -20.74 -5.71
N PHE B 129 10.42 -19.86 -4.73
CA PHE B 129 9.12 -19.43 -4.26
C PHE B 129 8.34 -18.67 -5.28
N VAL B 130 7.13 -19.19 -5.53
CA VAL B 130 6.09 -18.71 -6.44
C VAL B 130 4.77 -18.67 -5.68
N ILE B 131 3.77 -17.90 -6.19
CA ILE B 131 2.38 -17.85 -5.70
C ILE B 131 1.63 -18.68 -6.75
N ALA B 132 1.15 -19.89 -6.40
CA ALA B 132 0.46 -20.79 -7.34
C ALA B 132 -0.73 -20.10 -8.04
N GLU B 133 -1.53 -19.37 -7.25
CA GLU B 133 -2.71 -18.60 -7.65
C GLU B 133 -2.38 -17.41 -8.59
N ASP B 134 -1.12 -17.26 -9.04
CA ASP B 134 -0.67 -16.20 -9.94
C ASP B 134 -0.39 -16.82 -11.29
N GLN B 135 -0.58 -16.02 -12.36
CA GLN B 135 -0.30 -16.46 -13.73
C GLN B 135 1.23 -16.49 -13.96
N ASN B 136 1.82 -17.66 -13.61
CA ASN B 136 3.24 -18.02 -13.64
C ASN B 136 4.12 -17.06 -14.47
N THR B 137 4.57 -15.98 -13.80
CA THR B 137 5.39 -14.89 -14.31
C THR B 137 6.88 -15.28 -14.19
N ASN B 138 7.79 -14.37 -14.60
CA ASN B 138 9.20 -14.63 -14.46
C ASN B 138 9.72 -13.95 -13.19
N TYR B 139 8.85 -13.18 -12.50
CA TYR B 139 9.23 -12.52 -11.25
C TYR B 139 9.58 -13.60 -10.24
N ARG B 140 10.70 -13.40 -9.54
CA ARG B 140 11.17 -14.21 -8.43
C ARG B 140 11.84 -13.22 -7.49
N HIS B 141 11.95 -13.58 -6.22
CA HIS B 141 12.55 -12.71 -5.24
C HIS B 141 14.10 -12.73 -5.28
N PRO B 142 14.75 -11.53 -5.19
CA PRO B 142 16.22 -11.53 -5.06
C PRO B 142 16.63 -11.97 -3.64
N ALA B 143 17.90 -12.22 -3.41
CA ALA B 143 18.38 -12.72 -2.12
C ALA B 143 19.56 -11.92 -1.62
N VAL B 144 19.91 -12.09 -0.35
CA VAL B 144 21.11 -11.55 0.26
C VAL B 144 21.66 -12.63 1.17
N TYR B 145 22.83 -13.17 0.82
CA TYR B 145 23.47 -14.18 1.63
C TYR B 145 24.48 -13.54 2.53
N ASP B 146 24.39 -13.82 3.84
CA ASP B 146 25.30 -13.30 4.85
C ASP B 146 26.26 -14.45 5.18
N GLU B 147 27.46 -14.39 4.61
CA GLU B 147 28.49 -15.39 4.75
C GLU B 147 28.98 -15.63 6.17
N LYS B 148 29.15 -14.54 6.96
CA LYS B 148 29.62 -14.62 8.36
C LYS B 148 28.64 -15.44 9.20
N GLU B 149 27.34 -15.11 9.06
CA GLU B 149 26.27 -15.72 9.81
C GLU B 149 25.69 -16.96 9.14
N LYS B 150 26.13 -17.29 7.93
CA LYS B 150 25.65 -18.43 7.14
C LYS B 150 24.12 -18.39 7.01
N THR B 151 23.60 -17.16 6.88
CA THR B 151 22.18 -16.86 6.83
C THR B 151 21.76 -16.35 5.46
N CYS B 152 20.68 -16.89 4.95
CA CYS B 152 20.09 -16.55 3.67
C CYS B 152 18.85 -15.63 3.90
N TYR B 153 18.83 -14.46 3.30
CA TYR B 153 17.67 -13.56 3.41
C TYR B 153 17.03 -13.45 2.07
N MET B 154 15.69 -13.44 2.03
CA MET B 154 14.92 -13.23 0.80
C MET B 154 14.51 -11.76 0.81
N LEU B 155 14.73 -11.06 -0.30
CA LEU B 155 14.31 -9.66 -0.32
C LEU B 155 12.89 -9.55 -0.86
N TYR B 156 12.10 -8.71 -0.20
CA TYR B 156 10.72 -8.43 -0.62
C TYR B 156 10.78 -7.39 -1.71
N LEU B 157 11.71 -6.44 -1.56
CA LEU B 157 11.90 -5.33 -2.52
C LEU B 157 13.09 -5.57 -3.40
N SER B 158 12.84 -5.44 -4.69
CA SER B 158 13.84 -5.57 -5.76
C SER B 158 14.50 -4.20 -6.02
N ALA B 159 13.82 -3.11 -5.65
CA ALA B 159 14.24 -1.73 -5.77
C ALA B 159 15.57 -1.53 -5.06
N GLN B 160 16.49 -0.83 -5.71
CA GLN B 160 17.84 -0.61 -5.19
C GLN B 160 18.13 0.84 -4.81
N GLU B 161 17.54 1.81 -5.52
CA GLU B 161 17.72 3.21 -5.20
C GLU B 161 16.50 4.10 -5.39
N ASN B 162 16.20 4.88 -4.37
CA ASN B 162 15.17 5.90 -4.35
C ASN B 162 15.85 7.09 -3.67
N MET B 163 16.43 7.96 -4.52
CA MET B 163 17.22 9.13 -4.14
C MET B 163 16.80 10.41 -4.86
N GLY B 164 15.65 10.37 -5.54
CA GLY B 164 15.08 11.50 -6.27
C GLY B 164 15.04 12.81 -5.49
N PRO B 165 15.41 13.92 -6.14
CA PRO B 165 15.53 15.21 -5.43
C PRO B 165 14.26 15.88 -4.84
N ARG B 166 13.05 15.61 -5.35
CA ARG B 166 11.86 16.28 -4.81
C ARG B 166 11.53 15.85 -3.38
N TYR B 167 11.75 14.55 -3.09
CA TYR B 167 11.41 13.94 -1.82
C TYR B 167 12.64 13.53 -0.99
N CYS B 168 13.65 12.97 -1.66
CA CYS B 168 14.87 12.43 -1.08
C CYS B 168 16.03 13.41 -1.01
N SER B 169 15.72 14.63 -0.54
CA SER B 169 16.67 15.72 -0.30
C SER B 169 16.25 16.32 1.05
N PRO B 170 17.22 16.73 1.95
CA PRO B 170 16.83 17.29 3.27
C PRO B 170 15.78 18.43 3.23
N ASP B 171 14.49 18.08 3.45
CA ASP B 171 13.31 18.97 3.41
C ASP B 171 12.28 18.48 4.44
N MET B 178 8.71 9.53 4.40
CA MET B 178 9.68 9.25 3.33
C MET B 178 10.53 7.97 3.55
N PHE B 179 10.86 7.29 2.44
CA PHE B 179 11.66 6.07 2.43
C PHE B 179 12.69 6.19 1.30
N CYS B 180 13.83 6.82 1.62
CA CYS B 180 14.93 7.01 0.68
C CYS B 180 16.06 6.06 0.95
N PHE B 181 16.58 5.47 -0.12
CA PHE B 181 17.61 4.45 -0.04
C PHE B 181 18.49 4.42 -1.28
N LYS B 182 19.71 3.90 -1.11
CA LYS B 182 20.70 3.81 -2.17
C LYS B 182 21.48 2.50 -2.02
N PRO B 183 22.03 1.94 -3.14
CA PRO B 183 22.92 0.79 -2.98
C PRO B 183 24.26 1.31 -2.48
N ASP B 184 25.01 0.48 -1.76
CA ASP B 184 26.31 0.93 -1.25
C ASP B 184 27.14 -0.24 -0.82
N LYS B 185 28.45 -0.02 -0.77
CA LYS B 185 29.43 -0.95 -0.25
C LYS B 185 30.08 -0.24 0.93
N ASN B 186 29.96 -0.84 2.11
CA ASN B 186 30.58 -0.30 3.33
C ASN B 186 30.87 -1.47 4.29
N GLU B 187 31.74 -1.26 5.28
CA GLU B 187 32.19 -2.24 6.29
C GLU B 187 31.07 -3.18 6.85
N LYS B 188 29.87 -2.65 7.10
CA LYS B 188 28.73 -3.43 7.62
C LYS B 188 28.21 -4.47 6.63
N PHE B 189 28.54 -4.31 5.35
CA PHE B 189 28.10 -5.20 4.27
C PHE B 189 29.14 -6.20 3.75
N ASP B 190 30.39 -6.13 4.24
CA ASP B 190 31.50 -7.00 3.82
C ASP B 190 31.16 -8.45 3.59
N ASN B 191 30.40 -9.05 4.54
CA ASN B 191 30.05 -10.47 4.45
C ASN B 191 28.75 -10.76 3.70
N LEU B 192 28.14 -9.73 3.06
CA LEU B 192 26.90 -9.92 2.29
C LEU B 192 27.17 -10.18 0.82
N VAL B 193 26.25 -10.87 0.18
CA VAL B 193 26.32 -11.21 -1.23
C VAL B 193 24.95 -10.88 -1.81
N TYR B 194 24.84 -9.81 -2.62
CA TYR B 194 23.57 -9.44 -3.23
C TYR B 194 23.34 -10.38 -4.42
N LEU B 195 22.22 -11.14 -4.39
CA LEU B 195 21.95 -12.16 -5.39
C LEU B 195 20.65 -11.98 -6.19
N SER B 196 20.74 -11.89 -7.52
CA SER B 196 19.53 -11.82 -8.34
C SER B 196 19.03 -13.27 -8.53
N LYS B 197 17.79 -13.43 -8.99
CA LYS B 197 17.22 -14.75 -9.30
C LYS B 197 18.06 -15.49 -10.35
N ASN B 198 18.87 -14.77 -11.16
CA ASN B 198 19.65 -15.35 -12.25
C ASN B 198 21.11 -15.72 -11.95
N VAL B 199 21.58 -15.54 -10.71
CA VAL B 199 22.97 -15.85 -10.35
C VAL B 199 23.31 -17.31 -10.72
N ARG B 200 24.40 -17.50 -11.50
CA ARG B 200 24.90 -18.78 -11.97
C ARG B 200 25.20 -19.73 -10.82
N ASN B 201 24.85 -21.00 -10.97
CA ASN B 201 25.19 -21.98 -9.94
C ASN B 201 26.70 -22.20 -9.90
N ASP B 202 27.35 -22.16 -11.09
CA ASP B 202 28.81 -22.26 -11.29
C ASP B 202 29.50 -20.86 -11.26
N TRP B 203 28.97 -19.92 -10.44
CA TRP B 203 29.54 -18.57 -10.30
C TRP B 203 31.02 -18.61 -9.84
N GLU B 204 31.42 -19.65 -9.11
CA GLU B 204 32.77 -19.74 -8.57
C GLU B 204 33.84 -19.79 -9.67
N ASN B 205 33.48 -20.36 -10.85
CA ASN B 205 34.37 -20.49 -11.98
C ASN B 205 34.10 -19.45 -13.09
N LYS B 206 32.88 -18.90 -13.12
CA LYS B 206 32.44 -17.92 -14.11
C LYS B 206 32.48 -16.45 -13.66
N CYS B 207 32.60 -16.18 -12.36
CA CYS B 207 32.51 -14.82 -11.81
C CYS B 207 33.68 -14.46 -10.91
N PRO B 208 33.96 -13.14 -10.74
CA PRO B 208 35.00 -12.73 -9.81
C PRO B 208 34.55 -12.82 -8.35
N ARG B 209 35.49 -12.72 -7.42
CA ARG B 209 35.18 -12.68 -6.01
C ARG B 209 36.28 -11.91 -5.30
N LYS B 210 37.49 -12.46 -5.30
CA LYS B 210 38.65 -11.86 -4.63
C LYS B 210 39.34 -10.80 -5.50
N ASN B 211 39.98 -9.85 -4.84
CA ASN B 211 40.79 -8.83 -5.48
C ASN B 211 42.06 -9.57 -5.80
N LEU B 212 42.62 -9.34 -6.99
CA LEU B 212 43.86 -10.01 -7.38
C LEU B 212 45.06 -9.20 -6.84
N GLY B 213 45.79 -9.83 -5.90
CA GLY B 213 46.98 -9.27 -5.26
C GLY B 213 48.18 -9.29 -6.18
N ASN B 214 49.00 -8.20 -6.10
CA ASN B 214 50.21 -8.02 -6.91
C ASN B 214 49.89 -8.13 -8.40
N ALA B 215 48.72 -7.58 -8.81
CA ALA B 215 48.22 -7.69 -10.16
C ALA B 215 47.54 -6.43 -10.58
N LYS B 216 47.61 -6.12 -11.85
CA LYS B 216 46.85 -5.05 -12.46
C LYS B 216 46.31 -5.62 -13.78
N PHE B 217 45.09 -5.29 -14.13
CA PHE B 217 44.47 -5.73 -15.37
C PHE B 217 45.15 -5.02 -16.51
N GLY B 218 45.29 -5.73 -17.61
CA GLY B 218 45.86 -5.21 -18.83
C GLY B 218 45.06 -5.64 -20.04
N LEU B 219 45.62 -5.35 -21.22
CA LEU B 219 45.05 -5.66 -22.52
C LEU B 219 46.09 -6.39 -23.39
N TRP B 220 45.77 -7.64 -23.76
CA TRP B 220 46.64 -8.48 -24.59
C TRP B 220 46.66 -7.92 -26.03
N VAL B 221 47.87 -7.48 -26.47
CA VAL B 221 48.13 -6.84 -27.76
C VAL B 221 49.46 -7.33 -28.26
N ASP B 222 49.47 -7.92 -29.47
CA ASP B 222 50.65 -8.41 -30.18
C ASP B 222 51.54 -9.29 -29.28
N GLY B 223 50.94 -10.30 -28.68
CA GLY B 223 51.68 -11.23 -27.82
C GLY B 223 52.27 -10.71 -26.53
N ASN B 224 51.79 -9.54 -26.05
CA ASN B 224 52.22 -8.93 -24.77
C ASN B 224 51.05 -8.31 -24.02
N CYS B 225 51.15 -8.31 -22.68
CA CYS B 225 50.13 -7.69 -21.83
C CYS B 225 50.43 -6.23 -21.58
N GLU B 226 49.72 -5.36 -22.30
CA GLU B 226 49.86 -3.90 -22.25
C GLU B 226 48.95 -3.27 -21.21
N GLU B 227 49.16 -1.98 -20.91
CA GLU B 227 48.31 -1.26 -19.98
C GLU B 227 46.93 -1.05 -20.59
N ILE B 228 45.93 -0.75 -19.75
CA ILE B 228 44.60 -0.43 -20.27
C ILE B 228 44.82 0.90 -20.98
N PRO B 229 44.41 0.99 -22.27
CA PRO B 229 44.66 2.22 -23.06
C PRO B 229 44.08 3.49 -22.46
N TYR B 230 42.86 3.43 -21.98
CA TYR B 230 42.19 4.58 -21.40
C TYR B 230 41.61 4.25 -20.05
N VAL B 231 42.01 5.02 -19.03
CA VAL B 231 41.52 4.83 -17.66
C VAL B 231 41.15 6.18 -17.05
N ASN B 232 40.37 6.17 -15.97
CA ASN B 232 40.03 7.36 -15.21
C ASN B 232 40.63 7.23 -13.83
N GLU B 233 41.62 8.08 -13.54
CA GLU B 233 42.31 8.14 -12.26
C GLU B 233 41.48 8.90 -11.25
N VAL B 234 41.25 8.27 -10.11
CA VAL B 234 40.49 8.78 -8.99
C VAL B 234 41.37 8.51 -7.77
N GLU B 235 41.41 9.45 -6.82
CA GLU B 235 42.19 9.23 -5.60
C GLU B 235 41.49 8.19 -4.73
N ALA B 236 42.26 7.22 -4.20
CA ALA B 236 41.76 6.16 -3.31
C ALA B 236 42.87 5.81 -2.32
N ARG B 237 42.58 5.90 -1.02
CA ARG B 237 43.53 5.67 0.06
C ARG B 237 43.66 4.21 0.50
N SER B 238 42.70 3.34 0.07
CA SER B 238 42.71 1.91 0.41
C SER B 238 42.12 1.06 -0.72
N LEU B 239 42.21 -0.29 -0.58
CA LEU B 239 41.61 -1.26 -1.50
C LEU B 239 40.09 -1.13 -1.42
N ARG B 240 39.54 -0.98 -0.19
CA ARG B 240 38.11 -0.79 0.07
C ARG B 240 37.61 0.43 -0.71
N GLU B 241 38.30 1.56 -0.55
CA GLU B 241 37.95 2.80 -1.21
C GLU B 241 37.90 2.64 -2.73
N CYS B 242 38.95 2.06 -3.34
CA CYS B 242 38.99 1.85 -4.79
C CYS B 242 37.85 0.95 -5.29
N ASN B 243 37.61 -0.15 -4.55
CA ASN B 243 36.54 -1.11 -4.80
C ASN B 243 35.18 -0.37 -4.70
N ARG B 244 35.02 0.55 -3.71
CA ARG B 244 33.80 1.32 -3.60
C ARG B 244 33.60 2.28 -4.80
N ILE B 245 34.68 2.92 -5.28
CA ILE B 245 34.66 3.86 -6.40
C ILE B 245 34.18 3.14 -7.65
N VAL B 246 34.79 2.00 -7.97
CA VAL B 246 34.41 1.20 -9.14
C VAL B 246 32.95 0.71 -9.06
N PHE B 247 32.49 0.31 -7.86
CA PHE B 247 31.10 -0.12 -7.70
C PHE B 247 30.19 1.08 -8.02
N GLU B 248 30.51 2.25 -7.42
CA GLU B 248 29.76 3.48 -7.63
C GLU B 248 29.72 3.91 -9.09
N ALA B 249 30.73 3.53 -9.88
CA ALA B 249 30.86 3.90 -11.29
C ALA B 249 30.38 2.80 -12.24
N SER B 250 30.17 1.58 -11.73
CA SER B 250 29.79 0.44 -12.59
C SER B 250 28.43 0.57 -13.27
N ALA B 251 28.17 -0.42 -14.16
CA ALA B 251 26.93 -0.61 -14.88
C ALA B 251 25.73 -0.43 -13.93
N SER B 252 24.71 0.33 -14.37
CA SER B 252 23.52 0.65 -13.59
C SER B 252 22.36 0.59 -14.52
N ASP B 253 21.31 -0.07 -14.09
CA ASP B 253 20.11 -0.23 -14.88
C ASP B 253 19.07 0.87 -14.63
N GLN B 254 19.45 1.89 -13.85
CA GLN B 254 18.57 2.99 -13.51
C GLN B 254 19.42 4.24 -13.43
N PRO B 255 19.00 5.37 -14.06
CA PRO B 255 19.78 6.61 -13.93
C PRO B 255 19.80 7.14 -12.52
N ARG B 256 20.85 7.90 -12.18
CA ARG B 256 21.02 8.50 -10.87
CA ARG B 256 21.01 8.49 -10.86
C ARG B 256 19.92 9.53 -10.63
N GLN B 257 19.43 9.62 -9.37
CA GLN B 257 18.39 10.54 -8.90
C GLN B 257 17.02 10.33 -9.58
N TYR B 258 16.80 9.12 -10.15
CA TYR B 258 15.55 8.73 -10.83
C TYR B 258 14.37 8.83 -9.88
N GLU B 259 13.30 9.49 -10.34
CA GLU B 259 12.05 9.63 -9.60
C GLU B 259 10.86 9.78 -10.52
N GLU B 260 9.72 9.19 -10.12
CA GLU B 260 8.45 9.23 -10.85
C GLU B 260 7.50 10.19 -10.12
N GLU B 261 6.79 11.04 -10.89
CA GLU B 261 5.83 12.03 -10.40
C GLU B 261 4.75 11.40 -9.50
N LEU B 262 4.07 10.36 -10.04
CA LEU B 262 2.96 9.64 -9.44
C LEU B 262 3.26 8.96 -8.08
N THR B 263 4.57 8.70 -7.74
CA THR B 263 4.99 8.04 -6.50
C THR B 263 4.26 8.61 -5.27
N ASP B 264 3.38 7.77 -4.68
CA ASP B 264 2.57 8.12 -3.52
C ASP B 264 2.99 7.26 -2.33
N TYR B 265 3.81 7.84 -1.45
CA TYR B 265 4.34 7.17 -0.27
C TYR B 265 3.25 6.69 0.68
N GLU B 266 2.14 7.46 0.79
CA GLU B 266 0.98 7.17 1.65
C GLU B 266 0.25 5.89 1.18
N LYS B 267 0.06 5.76 -0.15
CA LYS B 267 -0.54 4.59 -0.80
C LYS B 267 0.41 3.38 -0.63
N ILE B 268 1.74 3.63 -0.76
CA ILE B 268 2.78 2.61 -0.61
C ILE B 268 2.78 2.09 0.82
N GLN B 269 2.86 3.00 1.81
CA GLN B 269 2.83 2.72 3.25
C GLN B 269 1.55 1.97 3.62
N GLU B 270 0.43 2.33 2.97
CA GLU B 270 -0.87 1.72 3.13
C GLU B 270 -0.78 0.26 2.62
N GLY B 271 -0.20 0.07 1.43
CA GLY B 271 0.02 -1.24 0.82
C GLY B 271 0.86 -2.17 1.67
N PHE B 272 1.88 -1.61 2.36
CA PHE B 272 2.76 -2.34 3.26
C PHE B 272 1.99 -2.75 4.52
N ARG B 273 1.37 -1.75 5.20
CA ARG B 273 0.52 -1.89 6.40
C ARG B 273 -0.55 -2.96 6.18
N GLN B 274 -1.11 -2.99 4.95
CA GLN B 274 -2.16 -3.89 4.52
C GLN B 274 -1.68 -5.24 3.95
N ASN B 275 -0.34 -5.50 3.95
CA ASN B 275 0.29 -6.72 3.42
C ASN B 275 -0.10 -7.02 1.94
N ASN B 276 -0.33 -5.97 1.14
CA ASN B 276 -0.62 -6.09 -0.28
C ASN B 276 0.68 -6.49 -0.97
N ARG B 277 0.84 -7.82 -1.17
CA ARG B 277 2.00 -8.47 -1.76
C ARG B 277 2.49 -7.78 -3.06
N ASP B 278 1.60 -7.56 -4.04
CA ASP B 278 1.96 -6.91 -5.31
C ASP B 278 2.45 -5.45 -5.18
N MET B 279 1.87 -4.67 -4.25
CA MET B 279 2.27 -3.29 -4.03
C MET B 279 3.65 -3.23 -3.39
N ILE B 280 3.91 -4.07 -2.38
CA ILE B 280 5.20 -4.21 -1.68
C ILE B 280 6.27 -4.66 -2.69
N LYS B 281 6.00 -5.72 -3.48
CA LYS B 281 6.91 -6.31 -4.48
C LYS B 281 7.40 -5.31 -5.53
N SER B 282 6.50 -4.45 -6.00
CA SER B 282 6.76 -3.45 -7.03
C SER B 282 7.16 -2.09 -6.44
N ALA B 283 7.15 -1.95 -5.10
CA ALA B 283 7.47 -0.67 -4.47
C ALA B 283 8.80 -0.05 -4.91
N PHE B 284 8.72 1.21 -5.38
CA PHE B 284 9.82 2.05 -5.85
C PHE B 284 10.50 1.53 -7.14
N LEU B 285 9.83 0.63 -7.86
CA LEU B 285 10.39 0.06 -9.09
C LEU B 285 10.02 0.92 -10.31
N PRO B 286 10.99 1.22 -11.22
CA PRO B 286 10.66 2.00 -12.42
C PRO B 286 9.72 1.32 -13.42
N VAL B 287 8.72 2.07 -13.90
CA VAL B 287 7.73 1.65 -14.91
C VAL B 287 7.34 2.84 -15.82
N ASP B 293 14.32 -0.12 -23.45
CA ASP B 293 15.24 -1.27 -23.38
C ASP B 293 16.68 -0.81 -23.20
N ASN B 294 16.99 0.44 -23.62
CA ASN B 294 18.33 1.01 -23.49
C ASN B 294 18.61 1.54 -22.06
N PHE B 295 17.63 1.47 -21.12
CA PHE B 295 17.87 1.79 -19.70
C PHE B 295 18.62 0.64 -19.02
N LYS B 296 18.61 -0.53 -19.67
CA LYS B 296 19.31 -1.74 -19.27
C LYS B 296 20.78 -1.57 -19.71
N SER B 297 21.73 -1.68 -18.75
CA SER B 297 23.16 -1.56 -19.05
C SER B 297 23.68 -2.79 -19.78
N LYS B 298 23.09 -3.97 -19.49
CA LYS B 298 23.48 -5.29 -20.03
C LYS B 298 24.92 -5.70 -19.60
N GLY B 299 25.46 -4.99 -18.60
CA GLY B 299 26.78 -5.23 -18.04
C GLY B 299 27.82 -4.22 -18.45
N ARG B 300 27.46 -3.27 -19.32
CA ARG B 300 28.37 -2.25 -19.84
C ARG B 300 28.54 -1.14 -18.82
N GLY B 301 29.79 -0.71 -18.59
CA GLY B 301 30.11 0.38 -17.67
C GLY B 301 31.53 0.30 -17.13
N TYR B 302 31.90 1.22 -16.22
CA TYR B 302 33.22 1.28 -15.55
C TYR B 302 33.16 0.27 -14.44
N ASN B 303 33.45 -1.00 -14.78
CA ASN B 303 33.31 -2.14 -13.87
C ASN B 303 34.60 -2.64 -13.26
N TRP B 304 35.75 -2.22 -13.82
CA TRP B 304 37.06 -2.67 -13.36
C TRP B 304 37.88 -1.51 -12.87
N ALA B 305 38.85 -1.81 -12.00
CA ALA B 305 39.78 -0.85 -11.42
C ALA B 305 41.08 -1.55 -11.04
N ASN B 306 42.18 -0.82 -11.25
CA ASN B 306 43.54 -1.18 -10.88
C ASN B 306 43.88 -0.14 -9.80
N PHE B 307 44.01 -0.62 -8.56
CA PHE B 307 44.36 0.20 -7.41
C PHE B 307 45.88 0.17 -7.18
N ASP B 308 46.51 1.35 -7.17
CA ASP B 308 47.93 1.55 -6.91
C ASP B 308 48.00 1.85 -5.42
N SER B 309 48.33 0.82 -4.59
CA SER B 309 48.38 0.93 -3.13
C SER B 309 49.46 1.88 -2.60
N VAL B 310 50.49 2.12 -3.39
CA VAL B 310 51.59 2.98 -2.96
C VAL B 310 51.25 4.46 -3.23
N ASN B 311 50.92 4.82 -4.47
CA ASN B 311 50.60 6.19 -4.90
C ASN B 311 49.15 6.62 -4.66
N ASN B 312 48.35 5.75 -4.01
CA ASN B 312 46.96 5.95 -3.63
C ASN B 312 46.07 6.44 -4.79
N LYS B 313 46.09 5.67 -5.90
CA LYS B 313 45.30 5.92 -7.09
C LYS B 313 44.41 4.72 -7.48
N CYS B 314 43.22 5.01 -8.04
CA CYS B 314 42.23 4.02 -8.47
C CYS B 314 41.97 4.30 -9.93
N TYR B 315 42.42 3.41 -10.82
CA TYR B 315 42.27 3.60 -12.26
C TYR B 315 41.13 2.77 -12.78
N ILE B 316 39.96 3.41 -12.85
CA ILE B 316 38.73 2.75 -13.31
C ILE B 316 38.70 2.74 -14.84
N PHE B 317 38.08 1.72 -15.42
CA PHE B 317 37.97 1.61 -16.87
C PHE B 317 36.71 0.86 -17.26
N ASN B 318 36.32 0.99 -18.54
CA ASN B 318 35.06 0.38 -19.01
C ASN B 318 35.18 -0.59 -20.16
N THR B 319 36.39 -1.00 -20.53
CA THR B 319 36.61 -2.00 -21.58
C THR B 319 37.10 -3.25 -20.88
N LYS B 320 36.62 -4.42 -21.26
CA LYS B 320 37.05 -5.63 -20.59
C LYS B 320 38.57 -5.87 -20.67
N PRO B 321 39.17 -6.24 -19.51
CA PRO B 321 40.61 -6.59 -19.51
C PRO B 321 40.81 -7.99 -20.10
N THR B 322 41.94 -8.22 -20.79
CA THR B 322 42.18 -9.51 -21.42
C THR B 322 43.43 -10.21 -20.94
N CYS B 323 44.11 -9.66 -19.93
CA CYS B 323 45.32 -10.25 -19.31
C CYS B 323 45.63 -9.59 -17.98
N LEU B 324 46.62 -10.11 -17.24
CA LEU B 324 47.07 -9.53 -15.97
C LEU B 324 48.54 -9.16 -16.08
N ILE B 325 48.94 -8.10 -15.38
CA ILE B 325 50.35 -7.68 -15.26
C ILE B 325 50.71 -7.87 -13.79
N ASN B 326 51.84 -8.52 -13.52
CA ASN B 326 52.33 -8.75 -12.16
C ASN B 326 53.04 -7.51 -11.72
N ASP B 327 52.44 -6.80 -10.78
CA ASP B 327 52.96 -5.56 -10.23
C ASP B 327 52.56 -5.53 -8.76
N LYS B 328 53.54 -5.67 -7.85
CA LYS B 328 53.34 -5.74 -6.40
C LYS B 328 52.72 -4.48 -5.78
N ASN B 329 52.71 -3.36 -6.51
CA ASN B 329 52.12 -2.14 -6.00
C ASN B 329 50.60 -2.17 -6.19
N PHE B 330 50.11 -3.01 -7.10
CA PHE B 330 48.71 -3.01 -7.48
C PHE B 330 47.84 -4.12 -6.97
N PHE B 331 46.51 -3.87 -7.10
CA PHE B 331 45.40 -4.79 -6.89
C PHE B 331 44.45 -4.67 -8.08
N ALA B 332 43.93 -5.80 -8.56
CA ALA B 332 42.97 -5.81 -9.67
C ALA B 332 41.59 -6.04 -9.06
N THR B 333 40.76 -5.00 -9.03
CA THR B 333 39.43 -5.10 -8.44
C THR B 333 38.31 -4.86 -9.47
N THR B 334 37.08 -5.27 -9.11
CA THR B 334 35.88 -5.05 -9.91
C THR B 334 34.76 -4.60 -9.01
N ALA B 335 33.70 -4.11 -9.62
CA ALA B 335 32.46 -3.70 -8.97
C ALA B 335 31.75 -4.92 -8.33
N LEU B 336 31.99 -6.14 -8.83
CA LEU B 336 31.42 -7.35 -8.22
C LEU B 336 32.26 -7.90 -7.08
N SER B 337 33.58 -7.61 -7.08
CA SER B 337 34.57 -8.10 -6.10
C SER B 337 34.31 -7.74 -4.64
N HIS B 338 34.75 -8.63 -3.74
CA HIS B 338 34.67 -8.49 -2.29
C HIS B 338 35.48 -7.28 -1.90
N PRO B 339 35.02 -6.44 -0.97
CA PRO B 339 35.78 -5.23 -0.61
C PRO B 339 37.16 -5.41 0.02
N GLN B 340 37.51 -6.64 0.49
CA GLN B 340 38.76 -6.88 1.23
C GLN B 340 39.55 -8.07 0.83
N GLU B 341 38.88 -9.20 0.56
CA GLU B 341 39.48 -10.48 0.22
C GLU B 341 40.48 -10.35 -0.92
N VAL B 342 41.70 -10.90 -0.74
CA VAL B 342 42.80 -10.84 -1.74
C VAL B 342 43.36 -12.20 -2.09
N ASP B 343 43.63 -12.44 -3.37
CA ASP B 343 44.28 -13.66 -3.85
C ASP B 343 45.68 -13.21 -4.27
N ASN B 344 46.71 -13.52 -3.49
CA ASN B 344 48.04 -13.04 -3.84
C ASN B 344 48.82 -13.96 -4.82
N GLU B 345 48.25 -15.14 -5.14
CA GLU B 345 48.80 -16.09 -6.08
C GLU B 345 48.75 -15.58 -7.54
N PHE B 346 49.81 -14.87 -8.00
CA PHE B 346 49.80 -14.44 -9.39
C PHE B 346 49.89 -15.66 -10.29
N PRO B 347 49.03 -15.77 -11.33
CA PRO B 347 49.09 -16.95 -12.21
C PRO B 347 50.39 -17.02 -13.01
N GLY B 348 50.94 -18.22 -13.14
CA GLY B 348 52.19 -18.44 -13.87
C GLY B 348 52.03 -18.81 -15.33
N LEU B 349 50.81 -18.75 -15.84
CA LEU B 349 50.47 -19.12 -17.22
C LEU B 349 51.27 -18.37 -18.33
N GLU B 350 52.01 -17.32 -17.97
CA GLU B 350 52.82 -16.59 -18.94
C GLU B 350 54.28 -17.00 -18.89
N GLN B 351 54.73 -17.60 -17.77
CA GLN B 351 56.12 -18.06 -17.54
C GLN B 351 56.49 -19.11 -18.58
N LYS B 352 57.68 -18.98 -19.20
CA LYS B 352 58.15 -19.89 -20.25
C LYS B 352 59.28 -20.85 -19.83
N LEU B 353 59.31 -22.02 -20.51
CA LEU B 353 60.31 -23.06 -20.30
C LEU B 353 61.62 -22.56 -20.86
N ILE B 354 62.65 -22.61 -20.02
CA ILE B 354 64.03 -22.26 -20.35
C ILE B 354 64.93 -23.51 -20.12
N SER B 355 66.08 -23.67 -20.86
CA SER B 355 67.06 -24.76 -20.70
C SER B 355 67.75 -24.62 -19.32
N GLU B 356 68.14 -25.74 -18.64
CA GLU B 356 68.75 -25.67 -17.28
C GLU B 356 70.09 -24.83 -17.21
N GLU B 357 70.59 -24.35 -18.37
CA GLU B 357 71.75 -23.45 -18.52
C GLU B 357 71.49 -22.60 -19.78
N ASP B 358 70.82 -21.42 -19.58
CA ASP B 358 70.44 -20.48 -20.64
C ASP B 358 70.09 -19.10 -20.07
#